data_3M48
# 
_entry.id   3M48 
# 
_audit_conform.dict_name       mmcif_pdbx.dic 
_audit_conform.dict_version    5.379 
_audit_conform.dict_location   http://mmcif.pdb.org/dictionaries/ascii/mmcif_pdbx.dic 
# 
loop_
_database_2.database_id 
_database_2.database_code 
_database_2.pdbx_database_accession 
_database_2.pdbx_DOI 
PDB   3M48         pdb_00003m48 10.2210/pdb3m48/pdb 
RCSB  RCSB058087   ?            ?                   
WWPDB D_1000058087 ?            ?                   
# 
_pdbx_database_status.status_code                     REL 
_pdbx_database_status.entry_id                        3M48 
_pdbx_database_status.recvd_initial_deposition_date   2010-03-10 
_pdbx_database_status.deposit_site                    RCSB 
_pdbx_database_status.process_site                    RCSB 
_pdbx_database_status.status_code_sf                  REL 
_pdbx_database_status.status_code_mr                  ? 
_pdbx_database_status.SG_entry                        ? 
_pdbx_database_status.status_code_cs                  ? 
_pdbx_database_status.pdb_format_compatible           Y 
_pdbx_database_status.status_code_nmr_data            ? 
_pdbx_database_status.methods_development_category    ? 
# 
loop_
_audit_author.name 
_audit_author.pdbx_ordinal 
'Du, S.'          1 
'Kettering, R.D.' 2 
'Alvarado, J.J.'  3 
'Tortajada, A.'   4 
'Yeh, J.I.'       5 
# 
_citation.id                        primary 
_citation.title                     'GCN4 Leucine Zipper Peptide Mutant' 
_citation.journal_abbrev            'To be Published' 
_citation.journal_volume            ? 
_citation.page_first                ? 
_citation.page_last                 ? 
_citation.year                      ? 
_citation.journal_id_ASTM           ? 
_citation.country                   ? 
_citation.journal_id_ISSN           ? 
_citation.journal_id_CSD            0353 
_citation.book_publisher            ? 
_citation.pdbx_database_id_PubMed   ? 
_citation.pdbx_database_id_DOI      ? 
# 
loop_
_citation_author.citation_id 
_citation_author.name 
_citation_author.ordinal 
_citation_author.identifier_ORCID 
primary 'Du, S.'          1 ? 
primary 'Kettering, R.D.' 2 ? 
primary 'Alvarado, J.J.'  3 ? 
primary 'Tortajada, A.'   4 ? 
primary 'Yeh, J.I.'       5 ? 
# 
_cell.entry_id           3M48 
_cell.length_a           31.275 
_cell.length_b           31.275 
_cell.length_c           57.507 
_cell.angle_alpha        90.00 
_cell.angle_beta         90.00 
_cell.angle_gamma        120.00 
_cell.Z_PDB              6 
_cell.pdbx_unique_axis   ? 
_cell.length_a_esd       ? 
_cell.length_b_esd       ? 
_cell.length_c_esd       ? 
_cell.angle_alpha_esd    ? 
_cell.angle_beta_esd     ? 
_cell.angle_gamma_esd    ? 
# 
_symmetry.entry_id                         3M48 
_symmetry.space_group_name_H-M             'P 32 2 1' 
_symmetry.pdbx_full_space_group_name_H-M   ? 
_symmetry.cell_setting                     ? 
_symmetry.Int_Tables_number                154 
_symmetry.space_group_name_Hall            ? 
# 
loop_
_entity.id 
_entity.type 
_entity.src_method 
_entity.pdbx_description 
_entity.formula_weight 
_entity.pdbx_number_of_molecules 
_entity.pdbx_ec 
_entity.pdbx_mutation 
_entity.pdbx_fragment 
_entity.details 
1 polymer     syn 'General control protein GCN4' 3902.543 1  ? 'K251A, D255A, Y265W, H266N' 
'Leucine Zipper domain (UNP residues 249-281)' ? 
2 non-polymer syn 'SODIUM ION'                   22.990   2  ? ?                            ? ? 
3 water       nat water                          18.015   20 ? ?                            ? ? 
# 
_entity_name_com.entity_id   1 
_entity_name_com.name        'Amino acid biosynthesis regulatory protein' 
# 
_entity_poly.entity_id                      1 
_entity_poly.type                           'polypeptide(L)' 
_entity_poly.nstd_linkage                   no 
_entity_poly.nstd_monomer                   no 
_entity_poly.pdbx_seq_one_letter_code       RMAQLEAKVEELLSKNWNLENEVARLKKLVGER 
_entity_poly.pdbx_seq_one_letter_code_can   RMAQLEAKVEELLSKNWNLENEVARLKKLVGER 
_entity_poly.pdbx_strand_id                 A 
_entity_poly.pdbx_target_identifier         ? 
# 
loop_
_entity_poly_seq.entity_id 
_entity_poly_seq.num 
_entity_poly_seq.mon_id 
_entity_poly_seq.hetero 
1 1  ARG n 
1 2  MET n 
1 3  ALA n 
1 4  GLN n 
1 5  LEU n 
1 6  GLU n 
1 7  ALA n 
1 8  LYS n 
1 9  VAL n 
1 10 GLU n 
1 11 GLU n 
1 12 LEU n 
1 13 LEU n 
1 14 SER n 
1 15 LYS n 
1 16 ASN n 
1 17 TRP n 
1 18 ASN n 
1 19 LEU n 
1 20 GLU n 
1 21 ASN n 
1 22 GLU n 
1 23 VAL n 
1 24 ALA n 
1 25 ARG n 
1 26 LEU n 
1 27 LYS n 
1 28 LYS n 
1 29 LEU n 
1 30 VAL n 
1 31 GLY n 
1 32 GLU n 
1 33 ARG n 
# 
_pdbx_entity_src_syn.entity_id              1 
_pdbx_entity_src_syn.pdbx_src_id            1 
_pdbx_entity_src_syn.pdbx_alt_source_flag   sample 
_pdbx_entity_src_syn.pdbx_beg_seq_num       ? 
_pdbx_entity_src_syn.pdbx_end_seq_num       ? 
_pdbx_entity_src_syn.organism_scientific    ? 
_pdbx_entity_src_syn.organism_common_name   ? 
_pdbx_entity_src_syn.ncbi_taxonomy_id       4932 
_pdbx_entity_src_syn.details                'Synthetic peptide with the sequence of yeast GCN4' 
# 
_struct_ref.id                         1 
_struct_ref.db_name                    UNP 
_struct_ref.db_code                    GCN4_YEAST 
_struct_ref.pdbx_db_accession          P03069 
_struct_ref.entity_id                  1 
_struct_ref.pdbx_seq_one_letter_code   RMKQLEDKVEELLSKNYHLENEVARLKKLVGER 
_struct_ref.pdbx_align_begin           249 
_struct_ref.pdbx_db_isoform            ? 
# 
_struct_ref_seq.align_id                      1 
_struct_ref_seq.ref_id                        1 
_struct_ref_seq.pdbx_PDB_id_code              3M48 
_struct_ref_seq.pdbx_strand_id                A 
_struct_ref_seq.seq_align_beg                 1 
_struct_ref_seq.pdbx_seq_align_beg_ins_code   ? 
_struct_ref_seq.seq_align_end                 33 
_struct_ref_seq.pdbx_seq_align_end_ins_code   ? 
_struct_ref_seq.pdbx_db_accession             P03069 
_struct_ref_seq.db_align_beg                  249 
_struct_ref_seq.pdbx_db_align_beg_ins_code    ? 
_struct_ref_seq.db_align_end                  281 
_struct_ref_seq.pdbx_db_align_end_ins_code    ? 
_struct_ref_seq.pdbx_auth_seq_align_beg       1 
_struct_ref_seq.pdbx_auth_seq_align_end       33 
# 
loop_
_struct_ref_seq_dif.align_id 
_struct_ref_seq_dif.pdbx_pdb_id_code 
_struct_ref_seq_dif.mon_id 
_struct_ref_seq_dif.pdbx_pdb_strand_id 
_struct_ref_seq_dif.seq_num 
_struct_ref_seq_dif.pdbx_pdb_ins_code 
_struct_ref_seq_dif.pdbx_seq_db_name 
_struct_ref_seq_dif.pdbx_seq_db_accession_code 
_struct_ref_seq_dif.db_mon_id 
_struct_ref_seq_dif.pdbx_seq_db_seq_num 
_struct_ref_seq_dif.details 
_struct_ref_seq_dif.pdbx_auth_seq_num 
_struct_ref_seq_dif.pdbx_ordinal 
1 3M48 ALA A 3  ? UNP P03069 LYS 251 'engineered mutation' 3  1 
1 3M48 ALA A 7  ? UNP P03069 ASP 255 'engineered mutation' 7  2 
1 3M48 TRP A 17 ? UNP P03069 TYR 265 'engineered mutation' 17 3 
1 3M48 ASN A 18 ? UNP P03069 HIS 266 'engineered mutation' 18 4 
# 
loop_
_chem_comp.id 
_chem_comp.type 
_chem_comp.mon_nstd_flag 
_chem_comp.name 
_chem_comp.pdbx_synonyms 
_chem_comp.formula 
_chem_comp.formula_weight 
ALA 'L-peptide linking' y ALANINE         ? 'C3 H7 N O2'     89.093  
ARG 'L-peptide linking' y ARGININE        ? 'C6 H15 N4 O2 1' 175.209 
ASN 'L-peptide linking' y ASPARAGINE      ? 'C4 H8 N2 O3'    132.118 
ASP 'L-peptide linking' y 'ASPARTIC ACID' ? 'C4 H7 N O4'     133.103 
GLN 'L-peptide linking' y GLUTAMINE       ? 'C5 H10 N2 O3'   146.144 
GLU 'L-peptide linking' y 'GLUTAMIC ACID' ? 'C5 H9 N O4'     147.129 
GLY 'peptide linking'   y GLYCINE         ? 'C2 H5 N O2'     75.067  
HIS 'L-peptide linking' y HISTIDINE       ? 'C6 H10 N3 O2 1' 156.162 
HOH non-polymer         . WATER           ? 'H2 O'           18.015  
LEU 'L-peptide linking' y LEUCINE         ? 'C6 H13 N O2'    131.173 
LYS 'L-peptide linking' y LYSINE          ? 'C6 H15 N2 O2 1' 147.195 
MET 'L-peptide linking' y METHIONINE      ? 'C5 H11 N O2 S'  149.211 
NA  non-polymer         . 'SODIUM ION'    ? 'Na 1'           22.990  
SER 'L-peptide linking' y SERINE          ? 'C3 H7 N O3'     105.093 
TRP 'L-peptide linking' y TRYPTOPHAN      ? 'C11 H12 N2 O2'  204.225 
TYR 'L-peptide linking' y TYROSINE        ? 'C9 H11 N O3'    181.189 
VAL 'L-peptide linking' y VALINE          ? 'C5 H11 N O2'    117.146 
# 
_exptl.entry_id          3M48 
_exptl.method            'X-RAY DIFFRACTION' 
_exptl.crystals_number   1 
# 
_exptl_crystal.id                    1 
_exptl_crystal.density_meas          ? 
_exptl_crystal.density_Matthews      2.08 
_exptl_crystal.density_percent_sol   40.88 
_exptl_crystal.description           ? 
_exptl_crystal.F_000                 ? 
_exptl_crystal.preparation           ? 
# 
_exptl_crystal_grow.crystal_id      1 
_exptl_crystal_grow.method          'VAPOR DIFFUSION' 
_exptl_crystal_grow.temp            298 
_exptl_crystal_grow.temp_details    ? 
_exptl_crystal_grow.pH              4.6 
_exptl_crystal_grow.pdbx_details    
;8 mg/ml leucine zipper peptide, 0.1M sodium acetate, 0.2M calcium chloride, 20% v/v 2-propanol, pH 4.6, VAPOR DIFFUSION, temperature 298K
;
_exptl_crystal_grow.pdbx_pH_range   ? 
# 
_diffrn.id                     1 
_diffrn.ambient_temp           95 
_diffrn.ambient_temp_details   ? 
_diffrn.crystal_id             1 
# 
_diffrn_detector.diffrn_id              1 
_diffrn_detector.detector               CCD 
_diffrn_detector.type                   'ADSC QUANTUM 315' 
_diffrn_detector.pdbx_collection_date   2005-03-31 
_diffrn_detector.details                'Double silicon (111) crystal monochromator' 
# 
_diffrn_radiation.diffrn_id                        1 
_diffrn_radiation.wavelength_id                    1 
_diffrn_radiation.pdbx_monochromatic_or_laue_m_l   M 
_diffrn_radiation.monochromator                    'double silicon (111) crystal monochromator' 
_diffrn_radiation.pdbx_diffrn_protocol             'SINGLE WAVELENGTH' 
_diffrn_radiation.pdbx_scattering_type             x-ray 
# 
_diffrn_radiation_wavelength.id           1 
_diffrn_radiation_wavelength.wavelength   1.000 
_diffrn_radiation_wavelength.wt           1.0 
# 
_diffrn_source.diffrn_id                   1 
_diffrn_source.source                      SYNCHROTRON 
_diffrn_source.type                        'NSLS BEAMLINE X25' 
_diffrn_source.pdbx_synchrotron_site       NSLS 
_diffrn_source.pdbx_synchrotron_beamline   X25 
_diffrn_source.pdbx_wavelength             ? 
_diffrn_source.pdbx_wavelength_list        1.000 
# 
_reflns.entry_id                     3M48 
_reflns.observed_criterion_sigma_I   2.0 
_reflns.observed_criterion_sigma_F   3.0 
_reflns.d_resolution_low             25 
_reflns.d_resolution_high            1.45 
_reflns.number_obs                   5721 
_reflns.number_all                   ? 
_reflns.percent_possible_obs         96.9 
_reflns.pdbx_Rmerge_I_obs            ? 
_reflns.pdbx_Rsym_value              0.058 
_reflns.pdbx_netI_over_sigmaI        32.3 
_reflns.B_iso_Wilson_estimate        20.59 
_reflns.pdbx_redundancy              9.2 
_reflns.R_free_details               ? 
_reflns.limit_h_max                  ? 
_reflns.limit_h_min                  ? 
_reflns.limit_k_max                  ? 
_reflns.limit_k_min                  ? 
_reflns.limit_l_max                  ? 
_reflns.limit_l_min                  ? 
_reflns.observed_criterion_F_max     ? 
_reflns.observed_criterion_F_min     ? 
_reflns.pdbx_chi_squared             ? 
_reflns.pdbx_scaling_rejects         ? 
_reflns.pdbx_diffrn_id               1 
_reflns.pdbx_ordinal                 1 
# 
_reflns_shell.d_res_high             1.45 
_reflns_shell.d_res_low              1.48 
_reflns_shell.percent_possible_all   71.9 
_reflns_shell.Rmerge_I_obs           ? 
_reflns_shell.pdbx_Rsym_value        0.342 
_reflns_shell.meanI_over_sigI_obs    2.1 
_reflns_shell.pdbx_redundancy        3.1 
_reflns_shell.percent_possible_obs   ? 
_reflns_shell.number_unique_all      399 
_reflns_shell.number_measured_all    ? 
_reflns_shell.number_measured_obs    ? 
_reflns_shell.number_unique_obs      ? 
_reflns_shell.pdbx_chi_squared       ? 
_reflns_shell.pdbx_diffrn_id         ? 
_reflns_shell.pdbx_ordinal           1 
# 
_refine.entry_id                                 3M48 
_refine.ls_number_reflns_obs                     5721 
_refine.ls_number_reflns_all                     ? 
_refine.pdbx_ls_sigma_I                          ? 
_refine.pdbx_ls_sigma_F                          3.0 
_refine.pdbx_data_cutoff_high_absF               ? 
_refine.pdbx_data_cutoff_low_absF                ? 
_refine.pdbx_data_cutoff_high_rms_absF           ? 
_refine.ls_d_res_low                             25 
_refine.ls_d_res_high                            1.451 
_refine.ls_percent_reflns_obs                    93.02 
_refine.ls_R_factor_obs                          0.2101 
_refine.ls_R_factor_all                          ? 
_refine.ls_R_factor_R_work                       0.2094 
_refine.ls_R_factor_R_free                       0.2250 
_refine.ls_R_factor_R_free_error                 ? 
_refine.ls_R_factor_R_free_error_details         ? 
_refine.ls_percent_reflns_R_free                 5.12 
_refine.ls_number_reflns_R_free                  293 
_refine.ls_number_parameters                     ? 
_refine.ls_number_restraints                     ? 
_refine.occupancy_min                            ? 
_refine.occupancy_max                            ? 
_refine.correlation_coeff_Fo_to_Fc               ? 
_refine.correlation_coeff_Fo_to_Fc_free          ? 
_refine.B_iso_mean                               20.29 
_refine.aniso_B[1][1]                            -0.9787 
_refine.aniso_B[2][2]                            -0.9787 
_refine.aniso_B[3][3]                            1.9574 
_refine.aniso_B[1][2]                            -0.0000 
_refine.aniso_B[1][3]                            0.0000 
_refine.aniso_B[2][3]                            -0.0000 
_refine.solvent_model_details                    'FLAT BULK SOLVENT MODEL' 
_refine.solvent_model_param_ksol                 0.507 
_refine.solvent_model_param_bsol                 101.186 
_refine.pdbx_solvent_vdw_probe_radii             1.11 
_refine.pdbx_solvent_ion_probe_radii             ? 
_refine.pdbx_solvent_shrinkage_radii             0.90 
_refine.pdbx_ls_cross_valid_method               THROUGHOUT 
_refine.details                                  TLS 
_refine.pdbx_starting_model                      3I1G 
_refine.pdbx_method_to_determine_struct          'MOLECULAR REPLACEMENT' 
_refine.pdbx_isotropic_thermal_model             isotropic 
_refine.pdbx_stereochemistry_target_values       MLHL 
_refine.pdbx_stereochem_target_val_spec_case     ? 
_refine.pdbx_R_Free_selection_details            random 
_refine.pdbx_overall_ESU_R_Free                  ? 
_refine.overall_SU_ML                            0.19 
_refine.overall_SU_B                             ? 
_refine.ls_redundancy_reflns_obs                 ? 
_refine.B_iso_min                                ? 
_refine.B_iso_max                                ? 
_refine.overall_SU_R_Cruickshank_DPI             ? 
_refine.overall_SU_R_free                        ? 
_refine.ls_wR_factor_R_free                      ? 
_refine.ls_wR_factor_R_work                      ? 
_refine.overall_FOM_free_R_set                   ? 
_refine.overall_FOM_work_R_set                   ? 
_refine.pdbx_overall_phase_error                 ? 
_refine.pdbx_refine_id                           'X-RAY DIFFRACTION' 
_refine.pdbx_overall_ESU_R                       ? 
_refine.pdbx_diffrn_id                           1 
_refine.pdbx_TLS_residual_ADP_flag               ? 
_refine.pdbx_overall_SU_R_free_Cruickshank_DPI   ? 
_refine.pdbx_overall_SU_R_Blow_DPI               ? 
_refine.pdbx_overall_SU_R_free_Blow_DPI          ? 
# 
_refine_hist.pdbx_refine_id                   'X-RAY DIFFRACTION' 
_refine_hist.cycle_id                         LAST 
_refine_hist.pdbx_number_atoms_protein        238 
_refine_hist.pdbx_number_atoms_nucleic_acid   0 
_refine_hist.pdbx_number_atoms_ligand         2 
_refine_hist.number_atoms_solvent             20 
_refine_hist.number_atoms_total               260 
_refine_hist.d_res_high                       1.451 
_refine_hist.d_res_low                        25 
# 
loop_
_refine_ls_restr.type 
_refine_ls_restr.dev_ideal 
_refine_ls_restr.dev_ideal_target 
_refine_ls_restr.weight 
_refine_ls_restr.number 
_refine_ls_restr.pdbx_refine_id 
_refine_ls_restr.pdbx_restraint_function 
f_bond_d           0.006  ? ? 306 'X-RAY DIFFRACTION' ? 
f_angle_d          0.917  ? ? 417 'X-RAY DIFFRACTION' ? 
f_dihedral_angle_d 15.325 ? ? 125 'X-RAY DIFFRACTION' ? 
f_chiral_restr     0.045  ? ? 46  'X-RAY DIFFRACTION' ? 
f_plane_restr      0.002  ? ? 57  'X-RAY DIFFRACTION' ? 
# 
loop_
_refine_ls_shell.pdbx_total_number_of_bins_used 
_refine_ls_shell.d_res_high 
_refine_ls_shell.d_res_low 
_refine_ls_shell.number_reflns_R_work 
_refine_ls_shell.R_factor_R_work 
_refine_ls_shell.percent_reflns_obs 
_refine_ls_shell.R_factor_R_free 
_refine_ls_shell.R_factor_R_free_error 
_refine_ls_shell.percent_reflns_R_free 
_refine_ls_shell.number_reflns_R_free 
_refine_ls_shell.number_reflns_all 
_refine_ls_shell.R_factor_all 
_refine_ls_shell.number_reflns_obs 
_refine_ls_shell.redundancy_reflns_obs 
_refine_ls_shell.pdbx_refine_id 
. 1.4508 1.8277  2490 0.2096 87.00 0.2784 . . 138 . . . . 'X-RAY DIFFRACTION' 
. 1.8277 24.5067 2938 0.2081 98.00 0.2171 . . 155 . . . . 'X-RAY DIFFRACTION' 
# 
_struct.entry_id                  3M48 
_struct.title                     'GCN4 Leucine Zipper Peptide Mutant' 
_struct.pdbx_model_details        ? 
_struct.pdbx_CASP_flag            ? 
_struct.pdbx_model_type_details   ? 
# 
_struct_keywords.entry_id        3M48 
_struct_keywords.pdbx_keywords   'DNA BINDING PROTEIN' 
_struct_keywords.text            
;GCN4, leucine zipper, synthetic peptide, alpha helix, Activator, Amino-acid biosynthesis, DNA-binding, Nucleus, Phosphoprotein, Transcription, Transcription regulation, DNA BINDING PROTEIN
;
# 
loop_
_struct_asym.id 
_struct_asym.pdbx_blank_PDB_chainid_flag 
_struct_asym.pdbx_modified 
_struct_asym.entity_id 
_struct_asym.details 
A N N 1 ? 
B N N 2 ? 
C N N 2 ? 
D N N 3 ? 
# 
_struct_biol.id        1 
_struct_biol.details   ? 
# 
_struct_conf.conf_type_id            HELX_P 
_struct_conf.id                      HELX_P1 
_struct_conf.pdbx_PDB_helix_id       1 
_struct_conf.beg_label_comp_id       ALA 
_struct_conf.beg_label_asym_id       A 
_struct_conf.beg_label_seq_id        3 
_struct_conf.pdbx_beg_PDB_ins_code   ? 
_struct_conf.end_label_comp_id       VAL 
_struct_conf.end_label_asym_id       A 
_struct_conf.end_label_seq_id        30 
_struct_conf.pdbx_end_PDB_ins_code   ? 
_struct_conf.beg_auth_comp_id        ALA 
_struct_conf.beg_auth_asym_id        A 
_struct_conf.beg_auth_seq_id         3 
_struct_conf.end_auth_comp_id        VAL 
_struct_conf.end_auth_asym_id        A 
_struct_conf.end_auth_seq_id         30 
_struct_conf.pdbx_PDB_helix_class    1 
_struct_conf.details                 ? 
_struct_conf.pdbx_PDB_helix_length   28 
# 
_struct_conf_type.id          HELX_P 
_struct_conf_type.criteria    ? 
_struct_conf_type.reference   ? 
# 
loop_
_struct_conn.id 
_struct_conn.conn_type_id 
_struct_conn.pdbx_leaving_atom_flag 
_struct_conn.pdbx_PDB_id 
_struct_conn.ptnr1_label_asym_id 
_struct_conn.ptnr1_label_comp_id 
_struct_conn.ptnr1_label_seq_id 
_struct_conn.ptnr1_label_atom_id 
_struct_conn.pdbx_ptnr1_label_alt_id 
_struct_conn.pdbx_ptnr1_PDB_ins_code 
_struct_conn.pdbx_ptnr1_standard_comp_id 
_struct_conn.ptnr1_symmetry 
_struct_conn.ptnr2_label_asym_id 
_struct_conn.ptnr2_label_comp_id 
_struct_conn.ptnr2_label_seq_id 
_struct_conn.ptnr2_label_atom_id 
_struct_conn.pdbx_ptnr2_label_alt_id 
_struct_conn.pdbx_ptnr2_PDB_ins_code 
_struct_conn.ptnr1_auth_asym_id 
_struct_conn.ptnr1_auth_comp_id 
_struct_conn.ptnr1_auth_seq_id 
_struct_conn.ptnr2_auth_asym_id 
_struct_conn.ptnr2_auth_comp_id 
_struct_conn.ptnr2_auth_seq_id 
_struct_conn.ptnr2_symmetry 
_struct_conn.pdbx_ptnr3_label_atom_id 
_struct_conn.pdbx_ptnr3_label_seq_id 
_struct_conn.pdbx_ptnr3_label_comp_id 
_struct_conn.pdbx_ptnr3_label_asym_id 
_struct_conn.pdbx_ptnr3_label_alt_id 
_struct_conn.pdbx_ptnr3_PDB_ins_code 
_struct_conn.details 
_struct_conn.pdbx_dist_value 
_struct_conn.pdbx_value_order 
_struct_conn.pdbx_role 
metalc1 metalc ? ? A GLU 20 OE1 ? ? ? 1_555 C NA  . NA ? ? A GLU 20 A NA  35 1_555 ? ? ? ? ? ? ? 3.097 ? ? 
metalc2 metalc ? ? A ASN 21 OD1 A ? ? 1_555 C NA  . NA ? ? A ASN 21 A NA  35 1_555 ? ? ? ? ? ? ? 3.019 ? ? 
metalc3 metalc ? ? C NA  .  NA  ? ? ? 1_555 D HOH . O  ? ? A NA  35 A HOH 36 1_555 ? ? ? ? ? ? ? 3.081 ? ? 
# 
_struct_conn_type.id          metalc 
_struct_conn_type.criteria    ? 
_struct_conn_type.reference   ? 
# 
loop_
_struct_site.id 
_struct_site.pdbx_evidence_code 
_struct_site.pdbx_auth_asym_id 
_struct_site.pdbx_auth_comp_id 
_struct_site.pdbx_auth_seq_id 
_struct_site.pdbx_auth_ins_code 
_struct_site.pdbx_num_residues 
_struct_site.details 
AC1 Software A NA 34 ? 3 'BINDING SITE FOR RESIDUE NA A 34' 
AC2 Software A NA 35 ? 4 'BINDING SITE FOR RESIDUE NA A 35' 
# 
loop_
_struct_site_gen.id 
_struct_site_gen.site_id 
_struct_site_gen.pdbx_num_res 
_struct_site_gen.label_comp_id 
_struct_site_gen.label_asym_id 
_struct_site_gen.label_seq_id 
_struct_site_gen.pdbx_auth_ins_code 
_struct_site_gen.auth_comp_id 
_struct_site_gen.auth_asym_id 
_struct_site_gen.auth_seq_id 
_struct_site_gen.label_atom_id 
_struct_site_gen.label_alt_id 
_struct_site_gen.symmetry 
_struct_site_gen.details 
1 AC1 3 SER A 14 ? SER A 14 . ? 6_554 ? 
2 AC1 3 SER A 14 ? SER A 14 . ? 1_555 ? 
3 AC1 3 ASN A 18 ? ASN A 18 . ? 1_555 ? 
4 AC2 4 GLU A 10 ? GLU A 10 . ? 6_554 ? 
5 AC2 4 GLU A 20 ? GLU A 20 . ? 1_555 ? 
6 AC2 4 ASN A 21 ? ASN A 21 . ? 1_555 ? 
7 AC2 4 HOH D .  ? HOH A 36 . ? 1_555 ? 
# 
_atom_sites.entry_id                    3M48 
_atom_sites.fract_transf_matrix[1][1]   0.00593959 
_atom_sites.fract_transf_matrix[1][2]   -0.03558865 
_atom_sites.fract_transf_matrix[1][3]   -0.00782799 
_atom_sites.fract_transf_matrix[2][1]   -0.01171518 
_atom_sites.fract_transf_matrix[2][2]   -0.02621215 
_atom_sites.fract_transf_matrix[2][3]   0.02321288 
_atom_sites.fract_transf_matrix[3][1]   -0.01519115 
_atom_sites.fract_transf_matrix[3][2]   -0.00068007 
_atom_sites.fract_transf_matrix[3][3]   -0.00843467 
_atom_sites.fract_transf_vector[1]      0.210529 
_atom_sites.fract_transf_vector[2]      0.250376 
_atom_sites.fract_transf_vector[3]      -0.082915 
# 
loop_
_atom_type.symbol 
C  
N  
NA 
O  
# 
loop_
_atom_site.group_PDB 
_atom_site.id 
_atom_site.type_symbol 
_atom_site.label_atom_id 
_atom_site.label_alt_id 
_atom_site.label_comp_id 
_atom_site.label_asym_id 
_atom_site.label_entity_id 
_atom_site.label_seq_id 
_atom_site.pdbx_PDB_ins_code 
_atom_site.Cartn_x 
_atom_site.Cartn_y 
_atom_site.Cartn_z 
_atom_site.occupancy 
_atom_site.B_iso_or_equiv 
_atom_site.pdbx_formal_charge 
_atom_site.auth_seq_id 
_atom_site.auth_comp_id 
_atom_site.auth_asym_id 
_atom_site.auth_atom_id 
_atom_site.pdbx_PDB_model_num 
ATOM   1   N  N   . ALA A 1 3  ? 0.422  21.572  1.185  1.00 51.92  ? 3  ALA A N   1 
ATOM   2   C  CA  . ALA A 1 3  ? -1.028 21.512  1.059  1.00 51.73  ? 3  ALA A CA  1 
ATOM   3   C  C   . ALA A 1 3  ? -1.562 20.151  1.503  1.00 50.78  ? 3  ALA A C   1 
ATOM   4   O  O   . ALA A 1 3  ? -0.867 19.142  1.401  1.00 49.39  ? 3  ALA A O   1 
ATOM   5   C  CB  . ALA A 1 3  ? -1.448 21.818  -0.368 1.00 48.97  ? 3  ALA A CB  1 
ATOM   6   N  N   A GLN A 1 4  ? -2.799 20.137  1.995  0.71 51.51  ? 4  GLN A N   1 
ATOM   7   N  N   B GLN A 1 4  ? -2.796 20.130  1.996  0.29 51.43  ? 4  GLN A N   1 
ATOM   8   C  CA  A GLN A 1 4  ? -3.444 18.915  2.481  0.71 50.76  ? 4  GLN A CA  1 
ATOM   9   C  CA  B GLN A 1 4  ? -3.407 18.896  2.481  0.29 49.38  ? 4  GLN A CA  1 
ATOM   10  C  C   A GLN A 1 4  ? -3.669 17.908  1.351  0.71 39.92  ? 4  GLN A C   1 
ATOM   11  C  C   B GLN A 1 4  ? -3.629 17.896  1.346  0.29 40.55  ? 4  GLN A C   1 
ATOM   12  O  O   A GLN A 1 4  ? -3.919 16.721  1.599  0.71 35.37  ? 4  GLN A O   1 
ATOM   13  O  O   B GLN A 1 4  ? -3.840 16.704  1.586  0.29 36.67  ? 4  GLN A O   1 
ATOM   14  C  CB  A GLN A 1 4  ? -4.777 19.254  3.157  0.71 58.88  ? 4  GLN A CB  1 
ATOM   15  C  CB  B GLN A 1 4  ? -4.727 19.201  3.193  0.29 57.37  ? 4  GLN A CB  1 
ATOM   16  C  CG  A GLN A 1 4  ? -5.473 18.069  3.813  0.71 61.95  ? 4  GLN A CG  1 
ATOM   17  C  CG  B GLN A 1 4  ? -5.384 17.995  3.847  0.29 60.96  ? 4  GLN A CG  1 
ATOM   18  C  CD  A GLN A 1 4  ? -6.870 18.405  4.310  0.71 69.26  ? 4  GLN A CD  1 
ATOM   19  C  CD  B GLN A 1 4  ? -4.547 17.402  4.967  0.29 63.33  ? 4  GLN A CD  1 
ATOM   20  O  OE1 A GLN A 1 4  ? -7.299 19.558  4.274  0.71 68.33  ? 4  GLN A OE1 1 
ATOM   21  O  OE1 B GLN A 1 4  ? -4.813 16.293  5.431  0.29 64.08  ? 4  GLN A OE1 1 
ATOM   22  N  NE2 A GLN A 1 4  ? -7.588 17.390  4.778  0.71 73.61  ? 4  GLN A NE2 1 
ATOM   23  N  NE2 B GLN A 1 4  ? -3.530 18.137  5.406  0.29 64.63  ? 4  GLN A NE2 1 
ATOM   24  N  N   . LEU A 1 5  ? -3.573 18.391  0.114  1.00 32.32  ? 5  LEU A N   1 
ATOM   25  C  CA  . LEU A 1 5  ? -3.706 17.556  -1.070 1.00 30.33  ? 5  LEU A CA  1 
ATOM   26  C  C   . LEU A 1 5  ? -2.522 16.606  -1.123 1.00 24.53  ? 5  LEU A C   1 
ATOM   27  O  O   . LEU A 1 5  ? -2.666 15.424  -1.458 1.00 25.00  ? 5  LEU A O   1 
ATOM   28  C  CB  . LEU A 1 5  ? -3.732 18.426  -2.329 1.00 27.73  ? 5  LEU A CB  1 
ATOM   29  C  CG  . LEU A 1 5  ? -3.723 17.694  -3.676 1.00 28.31  ? 5  LEU A CG  1 
ATOM   30  C  CD1 . LEU A 1 5  ? -4.832 16.642  -3.744 1.00 27.80  ? 5  LEU A CD1 1 
ATOM   31  C  CD2 . LEU A 1 5  ? -3.822 18.669  -4.858 1.00 30.59  ? 5  LEU A CD2 1 
ATOM   32  N  N   . GLU A 1 6  ? -1.345 17.117  -0.776 1.00 28.23  ? 6  GLU A N   1 
ATOM   33  C  CA  . GLU A 1 6  ? -0.134 16.291  -0.736 1.00 23.75  ? 6  GLU A CA  1 
ATOM   34  C  C   . GLU A 1 6  ? -0.270 15.135  0.245  1.00 26.73  ? 6  GLU A C   1 
ATOM   35  O  O   . GLU A 1 6  ? 0.152  14.013  -0.039 1.00 23.25  ? 6  GLU A O   1 
ATOM   36  C  CB  . GLU A 1 6  ? 1.075  17.137  -0.344 1.00 32.67  ? 6  GLU A CB  1 
ATOM   37  C  CG  . GLU A 1 6  ? 1.620  17.984  -1.459 1.00 44.14  ? 6  GLU A CG  1 
ATOM   38  C  CD  . GLU A 1 6  ? 2.719  18.915  -0.991 1.00 47.85  ? 6  GLU A CD  1 
ATOM   39  O  OE1 . GLU A 1 6  ? 3.672  18.440  -0.327 1.00 53.44  ? 6  GLU A OE1 1 
ATOM   40  O  OE2 . GLU A 1 6  ? 2.622  20.124  -1.289 1.00 63.29  ? 6  GLU A OE2 1 
ATOM   41  N  N   . ALA A 1 7  ? -0.863 15.408  1.402  1.00 27.85  ? 7  ALA A N   1 
ATOM   42  C  CA  . ALA A 1 7  ? -1.063 14.395  2.430  1.00 23.00  ? 7  ALA A CA  1 
ATOM   43  C  C   . ALA A 1 7  ? -2.012 13.294  1.950  1.00 24.65  ? 7  ALA A C   1 
ATOM   44  O  O   . ALA A 1 7  ? -1.824 12.124  2.254  1.00 24.82  ? 7  ALA A O   1 
ATOM   45  C  CB  . ALA A 1 7  ? -1.596 15.051  3.723  1.00 32.80  ? 7  ALA A CB  1 
ATOM   46  N  N   A LYS A 1 8  ? -3.033 13.673  1.191  0.60 26.01  ? 8  LYS A N   1 
ATOM   47  N  N   B LYS A 1 8  ? -3.037 13.687  1.199  0.40 25.85  ? 8  LYS A N   1 
ATOM   48  C  CA  A LYS A 1 8  ? -3.990 12.697  0.695  0.60 24.48  ? 8  LYS A CA  1 
ATOM   49  C  CA  B LYS A 1 8  ? -4.001 12.732  0.670  0.40 24.50  ? 8  LYS A CA  1 
ATOM   50  C  C   A LYS A 1 8  ? -3.362 11.826  -0.386 0.60 22.49  ? 8  LYS A C   1 
ATOM   51  C  C   B LYS A 1 8  ? -3.318 11.824  -0.342 0.40 22.51  ? 8  LYS A C   1 
ATOM   52  O  O   A LYS A 1 8  ? -3.649 10.634  -0.461 0.60 21.85  ? 8  LYS A O   1 
ATOM   53  O  O   B LYS A 1 8  ? -3.532 10.612  -0.339 0.40 20.53  ? 8  LYS A O   1 
ATOM   54  C  CB  A LYS A 1 8  ? -5.272 13.389  0.216  0.60 25.88  ? 8  LYS A CB  1 
ATOM   55  C  CB  B LYS A 1 8  ? -5.185 13.459  0.023  0.40 23.01  ? 8  LYS A CB  1 
ATOM   56  C  CG  A LYS A 1 8  ? -6.018 14.039  1.370  0.60 31.93  ? 8  LYS A CG  1 
ATOM   57  C  CG  B LYS A 1 8  ? -6.378 12.565  -0.286 0.40 26.73  ? 8  LYS A CG  1 
ATOM   58  C  CD  A LYS A 1 8  ? -7.151 14.940  0.931  0.60 42.15  ? 8  LYS A CD  1 
ATOM   59  C  CD  B LYS A 1 8  ? -6.979 11.974  0.983  0.40 35.72  ? 8  LYS A CD  1 
ATOM   60  C  CE  A LYS A 1 8  ? -7.828 15.540  2.151  0.60 49.13  ? 8  LYS A CE  1 
ATOM   61  C  CE  B LYS A 1 8  ? -8.156 11.060  0.660  0.40 41.34  ? 8  LYS A CE  1 
ATOM   62  N  NZ  A LYS A 1 8  ? -8.747 16.652  1.808  0.60 50.96  ? 8  LYS A NZ  1 
ATOM   63  N  NZ  B LYS A 1 8  ? -8.405 10.057  1.732  0.40 44.91  ? 8  LYS A NZ  1 
ATOM   64  N  N   . VAL A 1 9  ? -2.489 12.411  -1.199 1.00 19.83  ? 9  VAL A N   1 
ATOM   65  C  CA  . VAL A 1 9  ? -1.761 11.641  -2.196 1.00 19.17  ? 9  VAL A CA  1 
ATOM   66  C  C   . VAL A 1 9  ? -0.772 10.696  -1.513 1.00 19.13  ? 9  VAL A C   1 
ATOM   67  O  O   . VAL A 1 9  ? -0.640 9.544   -1.920 1.00 19.58  ? 9  VAL A O   1 
ATOM   68  C  CB  . VAL A 1 9  ? -1.044 12.539  -3.205 1.00 19.84  ? 9  VAL A CB  1 
ATOM   69  C  CG1 . VAL A 1 9  ? -0.124 11.720  -4.117 1.00 21.45  ? 9  VAL A CG1 1 
ATOM   70  C  CG2 . VAL A 1 9  ? -2.077 13.299  -4.032 1.00 23.31  ? 9  VAL A CG2 1 
ATOM   71  N  N   . GLU A 1 10 ? -0.102 11.181  -0.469 1.00 18.19  ? 10 GLU A N   1 
ATOM   72  C  CA  . GLU A 1 10 ? 0.756  10.325  0.342  1.00 19.29  ? 10 GLU A CA  1 
ATOM   73  C  C   . GLU A 1 10 ? -0.018 9.208   1.003  1.00 20.62  ? 10 GLU A C   1 
ATOM   74  O  O   . GLU A 1 10 ? 0.492  8.097   1.079  1.00 21.27  ? 10 GLU A O   1 
ATOM   75  C  CB  . GLU A 1 10 ? 1.484  11.142  1.402  1.00 20.03  ? 10 GLU A CB  1 
ATOM   76  C  CG  . GLU A 1 10 ? 2.472  12.082  0.790  1.00 22.02  ? 10 GLU A CG  1 
ATOM   77  C  CD  . GLU A 1 10 ? 2.866  13.216  1.697  1.00 29.22  ? 10 GLU A CD  1 
ATOM   78  O  OE1 . GLU A 1 10 ? 2.355  13.313  2.836  1.00 28.68  ? 10 GLU A OE1 1 
ATOM   79  O  OE2 . GLU A 1 10 ? 3.679  14.042  1.246  1.00 33.97  ? 10 GLU A OE2 1 
ATOM   80  N  N   . GLU A 1 11 ? -1.225 9.472   1.497  1.00 20.68  ? 11 GLU A N   1 
ATOM   81  C  CA  . GLU A 1 11 ? -2.037 8.399   2.076  1.00 21.37  ? 11 GLU A CA  1 
ATOM   82  C  C   . GLU A 1 11 ? -2.391 7.344   1.035  1.00 20.75  ? 11 GLU A C   1 
ATOM   83  O  O   . GLU A 1 11 ? -2.404 6.157   1.341  1.00 23.77  ? 11 GLU A O   1 
ATOM   84  C  CB  . GLU A 1 11 ? -3.345 8.935   2.658  1.00 24.96  ? 11 GLU A CB  1 
ATOM   85  C  CG  . GLU A 1 11 ? -3.220 9.757   3.915  1.00 42.75  ? 11 GLU A CG  1 
ATOM   86  C  CD  . GLU A 1 11 ? -4.545 10.404  4.295  1.00 65.53  ? 11 GLU A CD  1 
ATOM   87  O  OE1 . GLU A 1 11 ? -5.571 10.093  3.646  1.00 70.28  ? 11 GLU A OE1 1 
ATOM   88  O  OE2 . GLU A 1 11 ? -4.561 11.224  5.239  1.00 71.51  ? 11 GLU A OE2 1 
ATOM   89  N  N   A LEU A 1 12 ? -2.710 7.765   -0.185 0.53 18.37  ? 12 LEU A N   1 
ATOM   90  N  N   B LEU A 1 12 ? -2.662 7.784   -0.188 0.47 19.83  ? 12 LEU A N   1 
ATOM   91  C  CA  A LEU A 1 12 ? -3.006 6.811   -1.246 0.53 18.03  ? 12 LEU A CA  1 
ATOM   92  C  CA  B LEU A 1 12 ? -3.012 6.890   -1.281 0.47 19.84  ? 12 LEU A CA  1 
ATOM   93  C  C   A LEU A 1 12 ? -1.786 5.965   -1.549 0.53 17.79  ? 12 LEU A C   1 
ATOM   94  C  C   B LEU A 1 12 ? -1.827 6.030   -1.710 0.47 17.37  ? 12 LEU A C   1 
ATOM   95  O  O   A LEU A 1 12 ? -1.894 4.746   -1.657 0.53 15.47  ? 12 LEU A O   1 
ATOM   96  O  O   B LEU A 1 12 ? -2.000 4.865   -2.054 0.47 20.31  ? 12 LEU A O   1 
ATOM   97  C  CB  A LEU A 1 12 ? -3.464 7.519   -2.517 0.53 18.94  ? 12 LEU A CB  1 
ATOM   98  C  CB  B LEU A 1 12 ? -3.526 7.707   -2.463 0.47 20.77  ? 12 LEU A CB  1 
ATOM   99  C  CG  A LEU A 1 12 ? -4.825 8.201   -2.464 0.53 24.40  ? 12 LEU A CG  1 
ATOM   100 C  CG  B LEU A 1 12 ? -4.140 6.983   -3.653 0.47 23.34  ? 12 LEU A CG  1 
ATOM   101 C  CD1 A LEU A 1 12 ? -5.042 9.007   -3.725 0.53 22.41  ? 12 LEU A CD1 1 
ATOM   102 C  CD1 B LEU A 1 12 ? -5.362 6.189   -3.223 0.47 27.73  ? 12 LEU A CD1 1 
ATOM   103 C  CD2 A LEU A 1 12 ? -5.907 7.153   -2.287 0.53 23.68  ? 12 LEU A CD2 1 
ATOM   104 C  CD2 B LEU A 1 12 ? -4.514 8.003   -4.702 0.47 23.84  ? 12 LEU A CD2 1 
ATOM   105 N  N   . LEU A 1 13 ? -0.622 6.597   -1.685 1.00 18.26  ? 13 LEU A N   1 
ATOM   106 C  CA  . LEU A 1 13 ? 0.591  5.829   -1.975 1.00 18.27  ? 13 LEU A CA  1 
ATOM   107 C  C   . LEU A 1 13 ? 0.865  4.803   -0.889 1.00 19.26  ? 13 LEU A C   1 
ATOM   108 O  O   . LEU A 1 13 ? 1.177  3.663   -1.195 1.00 20.69  ? 13 LEU A O   1 
ATOM   109 C  CB  . LEU A 1 13 ? 1.803  6.731   -2.142 1.00 19.47  ? 13 LEU A CB  1 
ATOM   110 C  CG  . LEU A 1 13 ? 1.777  7.586   -3.400 1.00 20.85  ? 13 LEU A CG  1 
ATOM   111 C  CD1 . LEU A 1 13 ? 2.684  8.823   -3.280 1.00 25.29  ? 13 LEU A CD1 1 
ATOM   112 C  CD2 . LEU A 1 13 ? 2.191  6.722   -4.565 1.00 22.99  ? 13 LEU A CD2 1 
ATOM   113 N  N   A SER A 1 14 ? 0.734  5.221   0.370  0.51 20.48  ? 14 SER A N   1 
ATOM   114 N  N   B SER A 1 14 ? 0.746  5.203   0.374  0.49 20.72  ? 14 SER A N   1 
ATOM   115 C  CA  A SER A 1 14 ? 0.974  4.351   1.515  0.51 21.06  ? 14 SER A CA  1 
ATOM   116 C  CA  B SER A 1 14 ? 1.014  4.287   1.476  0.49 20.41  ? 14 SER A CA  1 
ATOM   117 C  C   A SER A 1 14 ? -0.002 3.190   1.534  0.51 21.96  ? 14 SER A C   1 
ATOM   118 C  C   B SER A 1 14 ? -0.003 3.159   1.507  0.49 22.64  ? 14 SER A C   1 
ATOM   119 O  O   A SER A 1 14 ? 0.374  2.053   1.822  0.51 25.08  ? 14 SER A O   1 
ATOM   120 O  O   B SER A 1 14 ? 0.345  2.009   1.775  0.49 23.50  ? 14 SER A O   1 
ATOM   121 C  CB  A SER A 1 14 ? 0.833  5.139   2.814  0.51 22.80  ? 14 SER A CB  1 
ATOM   122 C  CB  B SER A 1 14 ? 1.008  5.016   2.816  0.49 23.89  ? 14 SER A CB  1 
ATOM   123 O  OG  A SER A 1 14 ? 1.868  6.096   2.938  0.51 32.71  ? 14 SER A OG  1 
ATOM   124 O  OG  B SER A 1 14 ? 1.314  4.115   3.869  0.49 31.65  ? 14 SER A OG  1 
ATOM   125 N  N   . LYS A 1 15 ? -1.264 3.485   1.238  1.00 22.19  ? 15 LYS A N   1 
ATOM   126 C  CA  . LYS A 1 15 ? -2.306 2.472   1.203  1.00 23.72  ? 15 LYS A CA  1 
ATOM   127 C  C   . LYS A 1 15 ? -1.974 1.447   0.123  1.00 20.82  ? 15 LYS A C   1 
ATOM   128 O  O   . LYS A 1 15 ? -2.051 0.240   0.361  1.00 22.81  ? 15 LYS A O   1 
ATOM   129 C  CB  . LYS A 1 15 ? -3.660 3.115   0.944  1.00 24.51  ? 15 LYS A CB  1 
ATOM   130 C  CG  . LYS A 1 15 ? -4.804 2.152   1.065  1.00 48.79  ? 15 LYS A CG  1 
ATOM   131 C  CD  . LYS A 1 15 ? -6.126 2.889   1.005  1.00 62.70  ? 15 LYS A CD  1 
ATOM   132 C  CE  . LYS A 1 15 ? -7.266 1.905   0.885  1.00 66.22  ? 15 LYS A CE  1 
ATOM   133 N  NZ  . LYS A 1 15 ? -7.021 0.702   1.729  1.00 74.69  ? 15 LYS A NZ  1 
ATOM   134 N  N   A ASN A 1 16 ? -1.620 1.942   -1.061 0.47 21.18  ? 16 ASN A N   1 
ATOM   135 N  N   B ASN A 1 16 ? -1.581 1.893   -1.063 0.53 20.96  ? 16 ASN A N   1 
ATOM   136 C  CA  A ASN A 1 16 ? -1.157 1.102   -2.165 0.47 20.69  ? 16 ASN A CA  1 
ATOM   137 C  CA  B ASN A 1 16 ? -1.226 0.936   -2.117 0.53 20.06  ? 16 ASN A CA  1 
ATOM   138 C  C   A ASN A 1 16 ? -0.086 0.141   -1.673 0.47 19.94  ? 16 ASN A C   1 
ATOM   139 C  C   B ASN A 1 16 ? 0.007  0.105   -1.783 0.53 20.35  ? 16 ASN A C   1 
ATOM   140 O  O   A ASN A 1 16 ? -0.227 -1.073  -1.800 0.47 18.07  ? 16 ASN A O   1 
ATOM   141 O  O   B ASN A 1 16 ? 0.085  -1.066  -2.153 0.53 21.16  ? 16 ASN A O   1 
ATOM   142 C  CB  A ASN A 1 16 ? -0.596 1.975   -3.296 0.47 21.48  ? 16 ASN A CB  1 
ATOM   143 C  CB  B ASN A 1 16 ? -1.041 1.631   -3.456 0.53 20.63  ? 16 ASN A CB  1 
ATOM   144 C  CG  A ASN A 1 16 ? -0.197 1.170   -4.523 0.47 19.72  ? 16 ASN A CG  1 
ATOM   145 C  CG  B ASN A 1 16 ? -2.307 2.293   -3.937 0.53 22.55  ? 16 ASN A CG  1 
ATOM   146 O  OD1 A ASN A 1 16 ? 0.990  0.945   -4.776 0.47 25.28  ? 16 ASN A OD1 1 
ATOM   147 O  OD1 B ASN A 1 16 ? -3.435 1.833   -3.791 0.53 16.46  ? 16 ASN A OD1 1 
ATOM   148 N  ND2 A ASN A 1 16 ? -1.185 0.746   -5.301 0.47 23.65  ? 16 ASN A ND2 1 
ATOM   149 N  ND2 B ASN A 1 16 ? -2.247 2.877   -5.121 0.53 21.65  ? 16 ASN A ND2 1 
ATOM   150 N  N   . TRP A 1 17 ? 0.973  0.694   -1.085 1.00 19.58  ? 17 TRP A N   1 
ATOM   151 C  CA  . TRP A 1 17 ? 2.123  -0.090  -0.634 1.00 20.19  ? 17 TRP A CA  1 
ATOM   152 C  C   . TRP A 1 17 ? 1.693  -1.137  0.378  1.00 21.01  ? 17 TRP A C   1 
ATOM   153 O  O   . TRP A 1 17 ? 2.113  -2.286  0.290  1.00 23.64  ? 17 TRP A O   1 
ATOM   154 C  CB  . TRP A 1 17 ? 3.196  0.806   -0.014 1.00 21.76  ? 17 TRP A CB  1 
ATOM   155 C  CG  . TRP A 1 17 ? 3.853  1.705   -0.998 1.00 22.90  ? 17 TRP A CG  1 
ATOM   156 C  CD1 . TRP A 1 17 ? 3.965  1.511   -2.347 1.00 24.81  ? 17 TRP A CD1 1 
ATOM   157 C  CD2 . TRP A 1 17 ? 4.515  2.944   -0.713 1.00 21.79  ? 17 TRP A CD2 1 
ATOM   158 N  NE1 . TRP A 1 17 ? 4.644  2.564   -2.920 1.00 25.45  ? 17 TRP A NE1 1 
ATOM   159 C  CE2 . TRP A 1 17 ? 5.002  3.449   -1.936 1.00 21.67  ? 17 TRP A CE2 1 
ATOM   160 C  CE3 . TRP A 1 17 ? 4.748  3.675   0.458  1.00 24.85  ? 17 TRP A CE3 1 
ATOM   161 C  CZ2 . TRP A 1 17 ? 5.692  4.657   -2.019 1.00 22.50  ? 17 TRP A CZ2 1 
ATOM   162 C  CZ3 . TRP A 1 17 ? 5.444  4.866   0.374  1.00 22.63  ? 17 TRP A CZ3 1 
ATOM   163 C  CH2 . TRP A 1 17 ? 5.916  5.339   -0.855 1.00 24.94  ? 17 TRP A CH2 1 
ATOM   164 N  N   . ASN A 1 18 ? 0.847  -0.759  1.332  1.00 21.01  ? 18 ASN A N   1 
ATOM   165 C  CA  . ASN A 1 18 ? 0.382  -1.712  2.333  1.00 24.58  ? 18 ASN A CA  1 
ATOM   166 C  C   . ASN A 1 18 ? -0.368 -2.863  1.693  1.00 21.54  ? 18 ASN A C   1 
ATOM   167 O  O   . ASN A 1 18 ? -0.172 -4.011  2.078  1.00 24.17  ? 18 ASN A O   1 
ATOM   168 C  CB  . ASN A 1 18 ? -0.496 -1.033  3.375  1.00 27.22  ? 18 ASN A CB  1 
ATOM   169 C  CG  . ASN A 1 18 ? 0.282  -0.088  4.263  1.00 37.61  ? 18 ASN A CG  1 
ATOM   170 O  OD1 . ASN A 1 18 ? 1.511  -0.138  4.313  1.00 41.77  ? 18 ASN A OD1 1 
ATOM   171 N  ND2 . ASN A 1 18 ? -0.432 0.773   4.979  1.00 36.47  ? 18 ASN A ND2 1 
ATOM   172 N  N   . LEU A 1 19 ? -1.206 -2.567  0.708  1.00 21.32  ? 19 LEU A N   1 
ATOM   173 C  CA  . LEU A 1 19 ? -1.970 -3.598  0.010  1.00 21.08  ? 19 LEU A CA  1 
ATOM   174 C  C   . LEU A 1 19 ? -1.060 -4.490  -0.822 1.00 20.20  ? 19 LEU A C   1 
ATOM   175 O  O   . LEU A 1 19 ? -1.201 -5.719  -0.784 1.00 21.83  ? 19 LEU A O   1 
ATOM   176 C  CB  . LEU A 1 19 ? -3.057 -2.958  -0.873 1.00 25.27  ? 19 LEU A CB  1 
ATOM   177 C  CG  . LEU A 1 19 ? -4.280 -2.376  -0.150 1.00 28.86  ? 19 LEU A CG  1 
ATOM   178 C  CD1 . LEU A 1 19 ? -4.992 -1.343  -1.013 1.00 26.27  ? 19 LEU A CD1 1 
ATOM   179 C  CD2 . LEU A 1 19 ? -5.245 -3.469  0.287  1.00 29.01  ? 19 LEU A CD2 1 
ATOM   180 N  N   . GLU A 1 20 ? -0.127 -3.900  -1.569 1.00 20.17  ? 20 GLU A N   1 
ATOM   181 C  CA  . GLU A 1 20 ? 0.807  -4.682  -2.366 1.00 23.93  ? 20 GLU A CA  1 
ATOM   182 C  C   . GLU A 1 20 ? 1.618  -5.599  -1.462 1.00 23.42  ? 20 GLU A C   1 
ATOM   183 O  O   . GLU A 1 20 ? 1.883  -6.753  -1.813 1.00 22.68  ? 20 GLU A O   1 
ATOM   184 C  CB  . GLU A 1 20 ? 1.774  -3.775  -3.110 1.00 25.27  ? 20 GLU A CB  1 
ATOM   185 C  CG  . GLU A 1 20 ? 1.210  -3.108  -4.327 1.00 32.18  ? 20 GLU A CG  1 
ATOM   186 C  CD  . GLU A 1 20 ? 2.234  -2.203  -4.965 1.00 56.77  ? 20 GLU A CD  1 
ATOM   187 O  OE1 . GLU A 1 20 ? 3.432  -2.384  -4.674 1.00 65.59  ? 20 GLU A OE1 1 
ATOM   188 O  OE2 . GLU A 1 20 ? 1.856  -1.305  -5.744 1.00 72.55  ? 20 GLU A OE2 1 
ATOM   189 N  N   A ASN A 1 21 ? 2.013  -5.105  -0.293 0.70 21.95  ? 21 ASN A N   1 
ATOM   190 N  N   B ASN A 1 21 ? 2.027  -5.068  -0.313 0.30 22.47  ? 21 ASN A N   1 
ATOM   191 C  CA  A ASN A 1 21 ? 2.828  -5.914  0.605  0.70 22.15  ? 21 ASN A CA  1 
ATOM   192 C  CA  B ASN A 1 21 ? 2.809  -5.824  0.651  0.30 22.80  ? 21 ASN A CA  1 
ATOM   193 C  C   A ASN A 1 21 ? 2.020  -7.014  1.243  0.70 21.74  ? 21 ASN A C   1 
ATOM   194 C  C   B ASN A 1 21 ? 2.005  -7.013  1.142  0.30 21.30  ? 21 ASN A C   1 
ATOM   195 O  O   A ASN A 1 21 ? 2.557  -8.075  1.551  0.70 26.10  ? 21 ASN A O   1 
ATOM   196 O  O   B ASN A 1 21 ? 2.523  -8.128  1.226  0.30 19.53  ? 21 ASN A O   1 
ATOM   197 C  CB  A ASN A 1 21 ? 3.489  -5.063  1.676  0.70 21.98  ? 21 ASN A CB  1 
ATOM   198 C  CB  B ASN A 1 21 ? 3.216  -4.934  1.828  0.30 26.16  ? 21 ASN A CB  1 
ATOM   199 C  CG  A ASN A 1 21 ? 4.555  -4.164  1.113  0.70 29.99  ? 21 ASN A CG  1 
ATOM   200 C  CG  B ASN A 1 21 ? 4.116  -5.647  2.821  0.30 31.46  ? 21 ASN A CG  1 
ATOM   201 O  OD1 A ASN A 1 21 ? 5.130  -4.449  0.063  0.70 36.08  ? 21 ASN A OD1 1 
ATOM   202 O  OD1 B ASN A 1 21 ? 5.221  -6.074  2.485  0.30 37.72  ? 21 ASN A OD1 1 
ATOM   203 N  ND2 A ASN A 1 21 ? 4.837  -3.078  1.810  0.70 26.70  ? 21 ASN A ND2 1 
ATOM   204 N  ND2 B ASN A 1 21 ? 3.649  -5.767  4.059  0.30 36.14  ? 21 ASN A ND2 1 
ATOM   205 N  N   . GLU A 1 22 ? 0.731  -6.774  1.447  1.00 22.14  ? 22 GLU A N   1 
ATOM   206 C  CA  . GLU A 1 22 ? -0.136 -7.821  1.967  1.00 22.59  ? 22 GLU A CA  1 
ATOM   207 C  C   . GLU A 1 22 ? -0.268 -8.928  0.936  1.00 20.05  ? 22 GLU A C   1 
ATOM   208 O  O   . GLU A 1 22 ? -0.122 -10.095 1.263  1.00 23.18  ? 22 GLU A O   1 
ATOM   209 C  CB  . GLU A 1 22 ? -1.524 -7.304  2.348  1.00 24.32  ? 22 GLU A CB  1 
ATOM   210 C  CG  . GLU A 1 22 ? -2.398 -8.452  2.860  1.00 27.37  ? 22 GLU A CG  1 
ATOM   211 C  CD  . GLU A 1 22 ? -3.762 -8.042  3.403  1.00 48.16  ? 22 GLU A CD  1 
ATOM   212 O  OE1 . GLU A 1 22 ? -4.085 -6.839  3.401  1.00 45.60  ? 22 GLU A OE1 1 
ATOM   213 O  OE2 . GLU A 1 22 ? -4.520 -8.936  3.840  1.00 57.75  ? 22 GLU A OE2 1 
ATOM   214 N  N   . VAL A 1 23 ? -0.524 -8.566  -0.312 1.00 19.92  ? 23 VAL A N   1 
ATOM   215 C  CA  . VAL A 1 23 ? -0.645 -9.543  -1.387 1.00 21.94  ? 23 VAL A CA  1 
ATOM   216 C  C   . VAL A 1 23 ? 0.651  -10.327 -1.565 1.00 23.59  ? 23 VAL A C   1 
ATOM   217 O  O   . VAL A 1 23 ? 0.616  -11.541 -1.793 1.00 23.42  ? 23 VAL A O   1 
ATOM   218 C  CB  . VAL A 1 23 ? -1.083 -8.885  -2.710 1.00 24.65  ? 23 VAL A CB  1 
ATOM   219 C  CG1 . VAL A 1 23 ? -0.916 -9.845  -3.871 1.00 25.53  ? 23 VAL A CG1 1 
ATOM   220 C  CG2 . VAL A 1 23 ? -2.525 -8.403  -2.589 1.00 23.55  ? 23 VAL A CG2 1 
ATOM   221 N  N   . ALA A 1 24 ? 1.784  -9.651  -1.430 1.00 22.32  ? 24 ALA A N   1 
ATOM   222 C  CA  . ALA A 1 24 ? 3.081  -10.305 -1.505 1.00 24.01  ? 24 ALA A CA  1 
ATOM   223 C  C   . ALA A 1 24 ? 3.240  -11.323 -0.388 1.00 25.13  ? 24 ALA A C   1 
ATOM   224 O  O   . ALA A 1 24 ? 3.716  -12.428 -0.626 1.00 27.06  ? 24 ALA A O   1 
ATOM   225 C  CB  . ALA A 1 24 ? 4.202  -9.287  -1.451 1.00 23.88  ? 24 ALA A CB  1 
ATOM   226 N  N   A ARG A 1 25 ? 2.854  -10.962 0.831  0.59 22.28  ? 25 ARG A N   1 
ATOM   227 N  N   B ARG A 1 25 ? 2.845  -10.950 0.826  0.41 23.08  ? 25 ARG A N   1 
ATOM   228 C  CA  A ARG A 1 25 ? 2.965  -11.905 1.944  0.59 24.91  ? 25 ARG A CA  1 
ATOM   229 C  CA  B ARG A 1 25 ? 2.930  -11.860 1.967  0.41 25.00  ? 25 ARG A CA  1 
ATOM   230 C  C   A ARG A 1 25 ? 2.042  -13.102 1.723  0.59 24.11  ? 25 ARG A C   1 
ATOM   231 C  C   B ARG A 1 25 ? 2.034  -13.078 1.750  0.41 24.04  ? 25 ARG A C   1 
ATOM   232 O  O   A ARG A 1 25 ? 2.408  -14.241 2.018  0.59 27.07  ? 25 ARG A O   1 
ATOM   233 O  O   B ARG A 1 25 ? 2.415  -14.204 2.077  0.41 28.45  ? 25 ARG A O   1 
ATOM   234 C  CB  A ARG A 1 25 ? 2.663  -11.244 3.295  0.59 24.98  ? 25 ARG A CB  1 
ATOM   235 C  CB  B ARG A 1 25 ? 2.547  -11.161 3.280  0.41 26.29  ? 25 ARG A CB  1 
ATOM   236 C  CG  A ARG A 1 25 ? 3.698  -10.221 3.743  0.59 31.35  ? 25 ARG A CG  1 
ATOM   237 C  CG  B ARG A 1 25 ? 3.519  -10.075 3.728  0.41 30.12  ? 25 ARG A CG  1 
ATOM   238 C  CD  A ARG A 1 25 ? 3.561  -9.863  5.226  0.59 28.73  ? 25 ARG A CD  1 
ATOM   239 C  CD  B ARG A 1 25 ? 3.121  -9.454  5.070  0.41 28.79  ? 25 ARG A CD  1 
ATOM   240 N  NE  A ARG A 1 25 ? 2.278  -9.245  5.542  0.59 27.90  ? 25 ARG A NE  1 
ATOM   241 N  NE  B ARG A 1 25 ? 3.283  -10.379 6.190  0.41 39.22  ? 25 ARG A NE  1 
ATOM   242 C  CZ  A ARG A 1 25 ? 1.996  -7.959  5.355  0.59 26.12  ? 25 ARG A CZ  1 
ATOM   243 C  CZ  B ARG A 1 25 ? 3.375  -10.006 7.465  0.41 49.36  ? 25 ARG A CZ  1 
ATOM   244 N  NH1 A ARG A 1 25 ? 2.912  -7.147  4.842  0.59 34.69  ? 25 ARG A NH1 1 
ATOM   245 N  NH1 B ARG A 1 25 ? 3.327  -8.720  7.788  0.41 55.86  ? 25 ARG A NH1 1 
ATOM   246 N  NH2 A ARG A 1 25 ? 0.797  -7.481  5.674  0.59 30.35  ? 25 ARG A NH2 1 
ATOM   247 N  NH2 B ARG A 1 25 ? 3.518  -10.918 8.419  0.41 46.72  ? 25 ARG A NH2 1 
ATOM   248 N  N   . LEU A 1 26 ? 0.848  -12.858 1.197  1.00 22.35  ? 26 LEU A N   1 
ATOM   249 C  CA  . LEU A 1 26 ? -0.073 -13.956 0.952  1.00 21.90  ? 26 LEU A CA  1 
ATOM   250 C  C   . LEU A 1 26 ? 0.483  -14.901 -0.112 1.00 21.65  ? 26 LEU A C   1 
ATOM   251 O  O   . LEU A 1 26 ? 0.385  -16.114 0.033  1.00 22.64  ? 26 LEU A O   1 
ATOM   252 C  CB  . LEU A 1 26 ? -1.457 -13.425 0.598  1.00 21.72  ? 26 LEU A CB  1 
ATOM   253 C  CG  . LEU A 1 26 ? -2.151 -12.726 1.756  1.00 20.82  ? 26 LEU A CG  1 
ATOM   254 C  CD1 . LEU A 1 26 ? -3.318 -11.927 1.227  1.00 24.66  ? 26 LEU A CD1 1 
ATOM   255 C  CD2 . LEU A 1 26 ? -2.611 -13.723 2.789  1.00 25.60  ? 26 LEU A CD2 1 
ATOM   256 N  N   . LYS A 1 27 ? 1.098  -14.347 -1.154 1.00 23.38  ? 27 LYS A N   1 
ATOM   257 C  CA  . LYS A 1 27 ? 1.717  -15.157 -2.199 1.00 24.89  ? 27 LYS A CA  1 
ATOM   258 C  C   . LYS A 1 27 ? 2.826  -16.022 -1.618 1.00 22.51  ? 27 LYS A C   1 
ATOM   259 O  O   . LYS A 1 27 ? 2.954  -17.181 -1.970 1.00 26.65  ? 27 LYS A O   1 
ATOM   260 C  CB  . LYS A 1 27 ? 2.294  -14.282 -3.310 1.00 26.40  ? 27 LYS A CB  1 
ATOM   261 C  CG  . LYS A 1 27 ? 1.267  -13.692 -4.258 1.00 28.45  ? 27 LYS A CG  1 
ATOM   262 C  CD  . LYS A 1 27 ? 1.959  -12.773 -5.254 1.00 35.03  ? 27 LYS A CD  1 
ATOM   263 C  CE  . LYS A 1 27 ? 1.013  -12.335 -6.348 1.00 39.82  ? 27 LYS A CE  1 
ATOM   264 N  NZ  . LYS A 1 27 ? 1.649  -11.284 -7.185 1.00 46.04  ? 27 LYS A NZ  1 
ATOM   265 N  N   . LYS A 1 28 ? 3.635  -15.461 -0.729 1.00 24.96  ? 28 LYS A N   1 
ATOM   266 C  CA  . LYS A 1 28 ? 4.714  -16.241 -0.137 1.00 26.15  ? 28 LYS A CA  1 
ATOM   267 C  C   . LYS A 1 28 ? 4.130  -17.350 0.735  1.00 24.20  ? 28 LYS A C   1 
ATOM   268 O  O   . LYS A 1 28 ? 4.676  -18.453 0.780  1.00 31.12  ? 28 LYS A O   1 
ATOM   269 C  CB  . LYS A 1 28 ? 5.673  -15.346 0.656  1.00 31.08  ? 28 LYS A CB  1 
ATOM   270 C  CG  . LYS A 1 28 ? 6.804  -14.720 -0.176 1.00 51.76  ? 28 LYS A CG  1 
ATOM   271 C  CD  . LYS A 1 28 ? 6.889  -13.187 -0.017 1.00 72.71  ? 28 LYS A CD  1 
ATOM   272 C  CE  . LYS A 1 28 ? 7.459  -12.743 1.335  1.00 73.67  ? 28 LYS A CE  1 
ATOM   273 N  NZ  . LYS A 1 28 ? 7.337  -11.264 1.550  1.00 64.82  ? 28 LYS A NZ  1 
ATOM   274 N  N   . LEU A 1 29 ? 3.010  -17.082 1.411  1.00 27.19  ? 29 LEU A N   1 
ATOM   275 C  CA  . LEU A 1 29 ? 2.371  -18.082 2.271  1.00 28.23  ? 29 LEU A CA  1 
ATOM   276 C  C   . LEU A 1 29 ? 1.889  -19.289 1.488  1.00 28.90  ? 29 LEU A C   1 
ATOM   277 O  O   . LEU A 1 29 ? 2.077  -20.431 1.910  1.00 29.51  ? 29 LEU A O   1 
ATOM   278 C  CB  . LEU A 1 29 ? 1.165  -17.499 3.001  1.00 29.34  ? 29 LEU A CB  1 
ATOM   279 C  CG  . LEU A 1 29 ? 1.378  -16.927 4.390  1.00 29.84  ? 29 LEU A CG  1 
ATOM   280 C  CD1 . LEU A 1 29 ? 0.087  -16.330 4.878  1.00 31.43  ? 29 LEU A CD1 1 
ATOM   281 C  CD2 . LEU A 1 29 ? 1.841  -18.023 5.327  1.00 33.13  ? 29 LEU A CD2 1 
ATOM   282 N  N   . VAL A 1 30 ? 1.224  -19.037 0.367  1.00 27.27  ? 30 VAL A N   1 
ATOM   283 C  CA  . VAL A 1 30 ? 0.647  -20.111 -0.428 1.00 29.90  ? 30 VAL A CA  1 
ATOM   284 C  C   . VAL A 1 30 ? 1.629  -20.599 -1.482 1.00 38.31  ? 30 VAL A C   1 
ATOM   285 O  O   . VAL A 1 30 ? 1.254  -21.320 -2.405 1.00 61.71  ? 30 VAL A O   1 
ATOM   286 C  CB  . VAL A 1 30 ? -0.692 -19.698 -1.087 1.00 30.86  ? 30 VAL A CB  1 
ATOM   287 C  CG1 . VAL A 1 30 ? -1.665 -19.209 -0.032 1.00 32.32  ? 30 VAL A CG1 1 
ATOM   288 C  CG2 . VAL A 1 30 ? -0.466 -18.623 -2.127 1.00 30.19  ? 30 VAL A CG2 1 
ATOM   289 N  N   . GLY A 1 31 ? 2.893  -20.218 -1.337 1.00 33.64  ? 31 GLY A N   1 
ATOM   290 C  CA  . GLY A 1 31 ? 3.924  -20.658 -2.261 1.00 56.36  ? 31 GLY A CA  1 
ATOM   291 C  C   . GLY A 1 31 ? 3.594  -20.326 -3.706 1.00 88.80  ? 31 GLY A C   1 
ATOM   292 O  O   . GLY A 1 31 ? 3.167  -21.195 -4.466 1.00 93.51  ? 31 GLY A O   1 
ATOM   293 N  N   . GLU A 1 32 ? 3.793  -19.062 -4.083 1.00 108.42 ? 32 GLU A N   1 
ATOM   294 C  CA  . GLU A 1 32 ? 3.471  -18.578 -5.426 1.00 108.58 ? 32 GLU A CA  1 
ATOM   295 C  C   . GLU A 1 32 ? 4.614  -17.749 -6.011 1.00 103.49 ? 32 GLU A C   1 
ATOM   296 O  O   . GLU A 1 32 ? 4.531  -16.522 -6.083 1.00 97.66  ? 32 GLU A O   1 
ATOM   297 C  CB  . GLU A 1 32 ? 2.181  -17.763 -5.405 1.00 106.87 ? 32 GLU A CB  1 
HETATM 298 NA NA  . NA  B 2 .  ? 3.949  1.948   4.187  1.00 63.81  ? 34 NA  A NA  1 
HETATM 299 NA NA  . NA  C 2 .  ? 5.435  -2.628  -2.324 1.00 51.86  ? 35 NA  A NA  1 
HETATM 300 O  O   . HOH D 3 .  ? 6.286  -5.589  -2.367 1.00 51.65  ? 36 HOH A O   1 
HETATM 301 O  O   . HOH D 3 .  ? 3.564  -9.402  -5.380 1.00 47.76  ? 37 HOH A O   1 
HETATM 302 O  O   . HOH D 3 .  ? -3.704 0.824   4.531  1.00 47.54  ? 38 HOH A O   1 
HETATM 303 O  O   . HOH D 3 .  ? 2.333  -7.415  -4.639 1.00 40.77  ? 39 HOH A O   1 
HETATM 304 O  O   . HOH D 3 .  ? 4.743  -14.401 4.092  1.00 49.20  ? 40 HOH A O   1 
HETATM 305 O  O   . HOH D 3 .  ? 0.817  -4.625  4.624  1.00 44.18  ? 41 HOH A O   1 
HETATM 306 O  O   . HOH D 3 .  ? -2.502 5.537   4.254  1.00 55.43  ? 42 HOH A O   1 
HETATM 307 O  O   . HOH D 3 .  ? 6.880  -19.494 -0.156 1.00 43.60  ? 43 HOH A O   1 
HETATM 308 O  O   . HOH D 3 .  ? 4.982  3.177   -5.559 1.00 52.88  ? 44 HOH A O   1 
HETATM 309 O  O   . HOH D 3 .  ? 5.628  -12.434 -2.993 1.00 48.59  ? 45 HOH A O   1 
HETATM 310 O  O   . HOH D 3 .  ? 5.213  -0.598  -5.660 1.00 56.03  ? 46 HOH A O   1 
HETATM 311 O  O   . HOH D 3 .  ? 3.523  -13.700 6.207  1.00 48.55  ? 47 HOH A O   1 
HETATM 312 O  O   . HOH D 3 .  ? 6.362  -14.448 -4.462 1.00 58.77  ? 48 HOH A O   1 
HETATM 313 O  O   . HOH D 3 .  ? -7.179 19.214  0.216  1.00 51.71  ? 49 HOH A O   1 
HETATM 314 O  O   . HOH D 3 .  ? -5.181 13.676  5.093  1.00 57.49  ? 50 HOH A O   1 
HETATM 315 O  O   . HOH D 3 .  ? 1.128  19.982  -3.278 1.00 56.57  ? 51 HOH A O   1 
HETATM 316 O  O   . HOH D 3 .  ? -6.011 9.499   0.191  1.00 68.47  ? 52 HOH A O   1 
HETATM 317 O  O   . HOH D 3 .  ? 0.409  -6.623  -6.638 1.00 52.26  ? 53 HOH A O   1 
HETATM 318 O  O   . HOH D 3 .  ? -5.992 -6.936  4.747  1.00 49.36  ? 54 HOH A O   1 
HETATM 319 O  O   . HOH D 3 .  ? 5.468  -10.791 -4.718 1.00 59.04  ? 55 HOH A O   1 
# 
loop_
_atom_site_anisotrop.id 
_atom_site_anisotrop.type_symbol 
_atom_site_anisotrop.pdbx_label_atom_id 
_atom_site_anisotrop.pdbx_label_alt_id 
_atom_site_anisotrop.pdbx_label_comp_id 
_atom_site_anisotrop.pdbx_label_asym_id 
_atom_site_anisotrop.pdbx_label_seq_id 
_atom_site_anisotrop.pdbx_PDB_ins_code 
_atom_site_anisotrop.U[1][1] 
_atom_site_anisotrop.U[2][2] 
_atom_site_anisotrop.U[3][3] 
_atom_site_anisotrop.U[1][2] 
_atom_site_anisotrop.U[1][3] 
_atom_site_anisotrop.U[2][3] 
_atom_site_anisotrop.pdbx_auth_seq_id 
_atom_site_anisotrop.pdbx_auth_comp_id 
_atom_site_anisotrop.pdbx_auth_asym_id 
_atom_site_anisotrop.pdbx_auth_atom_id 
1   N  N   . ALA A 3  ? 0.6663 0.4995 0.8069 0.0455  -0.1129 -0.0960 3  ALA A N   
2   C  CA  . ALA A 3  ? 0.6747 0.5129 0.7780 0.0533  -0.0971 -0.0803 3  ALA A CA  
3   C  C   . ALA A 3  ? 0.6659 0.5168 0.7468 0.0595  -0.0982 -0.0723 3  ALA A C   
4   O  O   . ALA A 3  ? 0.6383 0.5005 0.7379 0.0531  -0.1040 -0.0751 3  ALA A O   
5   C  CB  . ALA A 3  ? 0.6305 0.4814 0.7489 0.0426  -0.0750 -0.0675 3  ALA A CB  
6   N  N   A GLN A 4  ? 0.6884 0.5368 0.7318 0.0721  -0.0913 -0.0612 4  GLN A N   
7   N  N   B GLN A 4  ? 0.6874 0.5359 0.7308 0.0721  -0.0913 -0.0612 4  GLN A N   
8   C  CA  A GLN A 4  ? 0.6825 0.5418 0.7045 0.0795  -0.0903 -0.0512 4  GLN A CA  
9   C  CA  B GLN A 4  ? 0.6648 0.5240 0.6874 0.0792  -0.0908 -0.0516 4  GLN A CA  
10  C  C   A GLN A 4  ? 0.5304 0.4149 0.5714 0.0664  -0.0788 -0.0389 4  GLN A C   
11  C  C   B GLN A 4  ? 0.5381 0.4227 0.5800 0.0660  -0.0791 -0.0393 4  GLN A C   
12  O  O   A GLN A 4  ? 0.4716 0.3669 0.5056 0.0683  -0.0799 -0.0325 4  GLN A O   
13  O  O   B GLN A 4  ? 0.4874 0.3827 0.5231 0.0677  -0.0806 -0.0334 4  GLN A O   
14  C  CB  A GLN A 4  ? 0.8010 0.6518 0.7842 0.0961  -0.0813 -0.0392 4  GLN A CB  
15  C  CB  B GLN A 4  ? 0.7818 0.6327 0.7652 0.0961  -0.0822 -0.0398 4  GLN A CB  
16  C  CG  A GLN A 4  ? 0.8446 0.7036 0.8058 0.1061  -0.0793 -0.0277 4  GLN A CG  
17  C  CG  B GLN A 4  ? 0.8317 0.6907 0.7937 0.1058  -0.0807 -0.0288 4  GLN A CG  
18  C  CD  A GLN A 4  ? 0.9489 0.8027 0.8798 0.1221  -0.0650 -0.0117 4  GLN A CD  
19  C  CD  B GLN A 4  ? 0.8706 0.7165 0.8192 0.1137  -0.0997 -0.0422 4  GLN A CD  
20  O  OE1 A GLN A 4  ? 0.9441 0.7857 0.8664 0.1273  -0.0577 -0.0105 4  GLN A OE1 
21  O  OE1 B GLN A 4  ? 0.8815 0.7348 0.8187 0.1192  -0.1001 -0.0350 4  GLN A OE1 
22  N  NE2 A GLN A 4  ? 1.0056 0.8686 0.9228 0.1303  -0.0595 0.0019  4  GLN A NE2 
23  N  NE2 B GLN A 4  ? 0.8929 0.7185 0.8444 0.1139  -0.1168 -0.0613 4  GLN A NE2 
24  N  N   . LEU A 5  ? 0.4248 0.3155 0.4877 0.0536  -0.0679 -0.0357 5  LEU A N   
25  C  CA  . LEU A 5  ? 0.3892 0.2974 0.4659 0.0408  -0.0576 -0.0258 5  LEU A CA  
26  C  C   . LEU A 5  ? 0.3067 0.2194 0.4058 0.0335  -0.0654 -0.0359 5  LEU A C   
27  O  O   . LEU A 5  ? 0.3088 0.2333 0.4079 0.0289  -0.0627 -0.0296 5  LEU A O   
28  C  CB  . LEU A 5  ? 0.3519 0.2592 0.4423 0.0307  -0.0447 -0.0219 5  LEU A CB  
29  C  CG  . LEU A 5  ? 0.3526 0.2703 0.4525 0.0173  -0.0344 -0.0138 5  LEU A CG  
30  C  CD1 . LEU A 5  ? 0.3483 0.2787 0.4293 0.0185  -0.0332 0.0008  5  LEU A CD1 
31  C  CD2 . LEU A 5  ? 0.3813 0.2937 0.4874 0.0099  -0.0213 -0.0088 5  LEU A CD2 
32  N  N   . GLU A 6  ? 0.3497 0.2525 0.4702 0.0323  -0.0755 -0.0513 6  GLU A N   
33  C  CA  . GLU A 6  ? 0.2823 0.1895 0.4304 0.0262  -0.0838 -0.0607 6  GLU A CA  
34  C  C   . GLU A 6  ? 0.3244 0.2358 0.4554 0.0348  -0.0953 -0.0603 6  GLU A C   
35  O  O   . GLU A 6  ? 0.2726 0.1941 0.4169 0.0294  -0.0946 -0.0592 6  GLU A O   
36  C  CB  . GLU A 6  ? 0.3898 0.2849 0.5668 0.0250  -0.0966 -0.0764 6  GLU A CB  
37  C  CG  . GLU A 6  ? 0.5249 0.4184 0.7339 0.0136  -0.0835 -0.0772 6  GLU A CG  
38  C  CD  . GLU A 6  ? 0.5653 0.4464 0.8064 0.0125  -0.0977 -0.0916 6  GLU A CD  
39  O  OE1 . GLU A 6  ? 0.6289 0.5099 0.8918 0.0129  -0.1153 -0.1015 6  GLU A OE1 
40  O  OE2 . GLU A 6  ? 0.7626 0.6334 1.0085 0.0110  -0.0922 -0.0926 6  GLU A OE2 
41  N  N   . ALA A 7  ? 0.3524 0.2537 0.4520 0.0491  -0.1047 -0.0608 7  ALA A N   
42  C  CA  . ALA A 7  ? 0.2981 0.1998 0.3761 0.0598  -0.1145 -0.0591 7  ALA A CA  
43  C  C   . ALA A 7  ? 0.3166 0.2352 0.3846 0.0576  -0.1012 -0.0426 7  ALA A C   
44  O  O   . ALA A 7  ? 0.3164 0.2417 0.3850 0.0586  -0.1056 -0.0409 7  ALA A O   
45  C  CB  . ALA A 7  ? 0.4416 0.3236 0.4812 0.0776  -0.1234 -0.0617 7  ALA A CB  
46  N  N   A LYS A 8  ? 0.3345 0.2588 0.3951 0.0543  -0.0861 -0.0299 8  LYS A N   
47  N  N   B LYS A 8  ? 0.3325 0.2567 0.3929 0.0544  -0.0861 -0.0300 8  LYS A N   
48  C  CA  A LYS A 8  ? 0.3123 0.2514 0.3663 0.0510  -0.0761 -0.0138 8  LYS A CA  
49  C  CA  B LYS A 8  ? 0.3126 0.2515 0.3667 0.0509  -0.0758 -0.0137 8  LYS A CA  
50  C  C   A LYS A 8  ? 0.2763 0.2246 0.3535 0.0358  -0.0724 -0.0150 8  LYS A C   
51  C  C   B LYS A 8  ? 0.2767 0.2246 0.3540 0.0360  -0.0730 -0.0156 8  LYS A C   
52  O  O   A LYS A 8  ? 0.2660 0.2230 0.3411 0.0337  -0.0715 -0.0079 8  LYS A O   
53  O  O   B LYS A 8  ? 0.2494 0.2057 0.3251 0.0345  -0.0730 -0.0094 8  LYS A O   
54  C  CB  A LYS A 8  ? 0.3332 0.2752 0.3749 0.0521  -0.0640 0.0009  8  LYS A CB  
55  C  CB  B LYS A 8  ? 0.2957 0.2378 0.3408 0.0499  -0.0632 0.0001  8  LYS A CB  
56  C  CG  A LYS A 8  ? 0.4219 0.3539 0.4375 0.0698  -0.0642 0.0049  8  LYS A CG  
57  C  CG  B LYS A 8  ? 0.3405 0.2965 0.3784 0.0486  -0.0562 0.0189  8  LYS A CG  
58  C  CD  A LYS A 8  ? 0.5531 0.4865 0.5620 0.0720  -0.0520 0.0183  8  LYS A CD  
59  C  CD  B LYS A 8  ? 0.4605 0.4169 0.4798 0.0639  -0.0588 0.0261  8  LYS A CD  
60  C  CE  A LYS A 8  ? 0.6552 0.5753 0.6364 0.0918  -0.0499 0.0222  8  LYS A CE  
61  C  CE  B LYS A 8  ? 0.5263 0.4979 0.5466 0.0615  -0.0520 0.0461  8  LYS A CE  
62  N  NZ  A LYS A 8  ? 0.6803 0.5983 0.6577 0.0955  -0.0380 0.0326  8  LYS A NZ  
63  N  NZ  B LYS A 8  ? 0.5744 0.5477 0.5842 0.0728  -0.0543 0.0520  8  LYS A NZ  
64  N  N   . VAL A 9  ? 0.2367 0.1808 0.3358 0.0259  -0.0691 -0.0238 9  VAL A N   
65  C  CA  . VAL A 9  ? 0.2201 0.1684 0.3397 0.0134  -0.0631 -0.0260 9  VAL A CA  
66  C  C   . VAL A 9  ? 0.2142 0.1642 0.3487 0.0156  -0.0737 -0.0348 9  VAL A C   
67  O  O   . VAL A 9  ? 0.2165 0.1720 0.3554 0.0104  -0.0702 -0.0317 9  VAL A O   
68  C  CB  . VAL A 9  ? 0.2240 0.1655 0.3642 0.0041  -0.0539 -0.0316 9  VAL A CB  
69  C  CG1 . VAL A 9  ? 0.2373 0.1792 0.3986 -0.0063 -0.0457 -0.0346 9  VAL A CG1 
70  C  CG2 . VAL A 9  ? 0.2741 0.2141 0.3976 0.0012  -0.0428 -0.0205 9  VAL A CG2 
71  N  N   . GLU A 10 ? 0.2023 0.1459 0.3432 0.0238  -0.0879 -0.0458 10 GLU A N   
72  C  CA  . GLU A 10 ? 0.2118 0.1566 0.3646 0.0279  -0.1016 -0.0532 10 GLU A CA  
73  C  C   . GLU A 10 ? 0.2353 0.1854 0.3627 0.0359  -0.1042 -0.0440 10 GLU A C   
74  O  O   . GLU A 10 ? 0.2381 0.1933 0.3768 0.0343  -0.1071 -0.0447 10 GLU A O   
75  C  CB  . GLU A 10 ? 0.2231 0.1564 0.3814 0.0361  -0.1203 -0.0663 10 GLU A CB  
76  C  CG  . GLU A 10 ? 0.2376 0.1669 0.4323 0.0271  -0.1194 -0.0756 10 GLU A CG  
77  C  CD  . GLU A 10 ? 0.3337 0.2480 0.5285 0.0340  -0.1372 -0.0873 10 GLU A CD  
78  O  OE1 . GLU A 10 ? 0.3421 0.2458 0.5018 0.0473  -0.1502 -0.0888 10 GLU A OE1 
79  O  OE2 . GLU A 10 ? 0.3838 0.2944 0.6126 0.0264  -0.1375 -0.0946 10 GLU A OE2 
80  N  N   . GLU A 11 ? 0.2472 0.1957 0.3429 0.0450  -0.1020 -0.0345 11 GLU A N   
81  C  CA  . GLU A 11 ? 0.2608 0.2149 0.3362 0.0525  -0.1014 -0.0230 11 GLU A CA  
82  C  C   . GLU A 11 ? 0.2459 0.2117 0.3306 0.0405  -0.0905 -0.0134 11 GLU A C   
83  O  O   . GLU A 11 ? 0.2829 0.2533 0.3669 0.0422  -0.0926 -0.0092 11 GLU A O   
84  C  CB  . GLU A 11 ? 0.3176 0.2684 0.3623 0.0642  -0.0965 -0.0115 11 GLU A CB  
85  C  CG  . GLU A 11 ? 0.5561 0.4900 0.5781 0.0802  -0.1070 -0.0190 11 GLU A CG  
86  C  CD  . GLU A 11 ? 0.8557 0.7848 0.8495 0.0917  -0.0967 -0.0063 11 GLU A CD  
87  O  OE1 . GLU A 11 ? 0.9104 0.8530 0.9070 0.0869  -0.0833 0.0098  11 GLU A OE1 
88  O  OE2 . GLU A 11 ? 0.9456 0.8564 0.9150 0.1056  -0.1024 -0.0121 11 GLU A OE2 
89  N  N   A LEU A 12 ? 0.2132 0.1811 0.3038 0.0291  -0.0794 -0.0096 12 LEU A N   
90  N  N   B LEU A 12 ? 0.2314 0.1991 0.3228 0.0290  -0.0796 -0.0102 12 LEU A N   
91  C  CA  A LEU A 12 ? 0.2058 0.1790 0.3004 0.0174  -0.0712 -0.0022 12 LEU A CA  
92  C  CA  B LEU A 12 ? 0.2287 0.2016 0.3233 0.0171  -0.0708 -0.0024 12 LEU A CA  
93  C  C   A LEU A 12 ? 0.1964 0.1680 0.3117 0.0112  -0.0719 -0.0118 12 LEU A C   
94  C  C   B LEU A 12 ? 0.1912 0.1624 0.3064 0.0098  -0.0705 -0.0114 12 LEU A C   
95  O  O   A LEU A 12 ? 0.1663 0.1408 0.2809 0.0085  -0.0712 -0.0073 12 LEU A O   
96  O  O   B LEU A 12 ? 0.2281 0.2016 0.3419 0.0051  -0.0679 -0.0064 12 LEU A O   
97  C  CB  A LEU A 12 ? 0.2187 0.1896 0.3113 0.0071  -0.0609 0.0022  12 LEU A CB  
98  C  CB  B LEU A 12 ? 0.2423 0.2129 0.3338 0.0080  -0.0610 0.0024  12 LEU A CB  
99  C  CG  A LEU A 12 ? 0.2923 0.2668 0.3680 0.0112  -0.0584 0.0155  12 LEU A CG  
100 C  CG  B LEU A 12 ? 0.2768 0.2479 0.3623 -0.0037 -0.0542 0.0118  12 LEU A CG  
101 C  CD1 A LEU A 12 ? 0.2689 0.2387 0.3441 0.0013  -0.0503 0.0178  12 LEU A CD1 
102 C  CD1 B LEU A 12 ? 0.3332 0.3133 0.4073 -0.0003 -0.0577 0.0266  12 LEU A CD1 
103 C  CD2 A LEU A 12 ? 0.2832 0.2665 0.3501 0.0122  -0.0593 0.0305  12 LEU A CD2 
104 C  CD2 B LEU A 12 ? 0.2867 0.2524 0.3667 -0.0105 -0.0467 0.0150  12 LEU A CD2 
105 N  N   . LEU A 13 ? 0.1968 0.1634 0.3335 0.0091  -0.0729 -0.0243 13 LEU A N   
106 C  CA  . LEU A 13 ? 0.1887 0.1544 0.3511 0.0042  -0.0718 -0.0321 13 LEU A CA  
107 C  C   . LEU A 13 ? 0.1992 0.1693 0.3632 0.0126  -0.0837 -0.0329 13 LEU A C   
108 O  O   . LEU A 13 ? 0.2141 0.1857 0.3861 0.0087  -0.0800 -0.0315 13 LEU A O   
109 C  CB  . LEU A 13 ? 0.1952 0.1565 0.3879 0.0018  -0.0721 -0.0437 13 LEU A CB  
110 C  CG  . LEU A 13 ? 0.2137 0.1687 0.4097 -0.0075 -0.0564 -0.0427 13 LEU A CG  
111 C  CD1 . LEU A 13 ? 0.2621 0.2131 0.4859 -0.0073 -0.0590 -0.0522 13 LEU A CD1 
112 C  CD2 . LEU A 13 ? 0.2401 0.1902 0.4431 -0.0166 -0.0409 -0.0409 13 LEU A CD2 
113 N  N   A SER A 14 ? 0.2187 0.1881 0.3716 0.0248  -0.0976 -0.0349 14 SER A N   
114 N  N   B SER A 14 ? 0.2215 0.1909 0.3747 0.0249  -0.0977 -0.0349 14 SER A N   
115 C  CA  A SER A 14 ? 0.2269 0.1975 0.3758 0.0351  -0.1102 -0.0353 14 SER A CA  
116 C  CA  B SER A 14 ? 0.2181 0.1890 0.3683 0.0347  -0.1099 -0.0353 14 SER A CA  
117 C  C   A SER A 14 ? 0.2427 0.2187 0.3730 0.0361  -0.1041 -0.0219 14 SER A C   
118 C  C   B SER A 14 ? 0.2511 0.2272 0.3817 0.0359  -0.1038 -0.0217 14 SER A C   
119 O  O   A SER A 14 ? 0.2791 0.2573 0.4164 0.0378  -0.1072 -0.0210 14 SER A O   
120 O  O   B SER A 14 ? 0.2591 0.2376 0.3964 0.0373  -0.1065 -0.0205 14 SER A O   
121 C  CB  A SER A 14 ? 0.2582 0.2211 0.3872 0.0495  -0.1251 -0.0390 14 SER A CB  
122 C  CB  B SER A 14 ? 0.2704 0.2338 0.4036 0.0490  -0.1260 -0.0400 14 SER A CB  
123 O  OG  A SER A 14 ? 0.3789 0.3352 0.5289 0.0484  -0.1355 -0.0526 14 SER A OG  
124 O  OG  B SER A 14 ? 0.3712 0.3332 0.4982 0.0593  -0.1385 -0.0401 14 SER A OG  
125 N  N   . LYS A 15 ? 0.2518 0.2297 0.3615 0.0353  -0.0960 -0.0108 15 LYS A N   
126 C  CA  . LYS A 15 ? 0.2735 0.2572 0.3705 0.0350  -0.0906 0.0036  15 LYS A CA  
127 C  C   . LYS A 15 ? 0.2318 0.2160 0.3433 0.0217  -0.0838 0.0035  15 LYS A C   
128 O  O   . LYS A 15 ? 0.2560 0.2422 0.3684 0.0225  -0.0845 0.0085  15 LYS A O   
129 C  CB  . LYS A 15 ? 0.2880 0.2746 0.3686 0.0350  -0.0837 0.0160  15 LYS A CB  
130 C  CG  . LYS A 15 ? 0.5958 0.5894 0.6685 0.0360  -0.0799 0.0328  15 LYS A CG  
131 C  CD  . LYS A 15 ? 0.7743 0.7720 0.8359 0.0386  -0.0742 0.0465  15 LYS A CD  
132 C  CE  . LYS A 15 ? 0.8155 0.8216 0.8789 0.0359  -0.0705 0.0647  15 LYS A CE  
133 N  NZ  . LYS A 15 ? 0.9224 0.9290 0.9863 0.0430  -0.0732 0.0672  15 LYS A NZ  
134 N  N   A ASN A 16 ? 0.2349 0.2146 0.3552 0.0102  -0.0761 -0.0020 16 ASN A N   
135 N  N   B ASN A 16 ? 0.2319 0.2115 0.3529 0.0100  -0.0761 -0.0023 16 ASN A N   
136 C  CA  A ASN A 16 ? 0.2276 0.2015 0.3572 -0.0015 -0.0677 -0.0043 16 ASN A CA  
137 C  CA  B ASN A 16 ? 0.2197 0.1940 0.3483 -0.0013 -0.0680 -0.0033 16 ASN A CA  
138 C  C   A ASN A 16 ? 0.2119 0.1857 0.3599 0.0020  -0.0713 -0.0108 16 ASN A C   
139 C  C   B ASN A 16 ? 0.2167 0.1899 0.3665 0.0010  -0.0703 -0.0115 16 ASN A C   
140 O  O   A ASN A 16 ? 0.1892 0.1617 0.3357 -0.0004 -0.0693 -0.0063 16 ASN A O   
141 O  O   B ASN A 16 ? 0.2277 0.1973 0.3791 -0.0034 -0.0661 -0.0093 16 ASN A O   
142 C  CB  A ASN A 16 ? 0.2379 0.2035 0.3748 -0.0103 -0.0580 -0.0116 16 ASN A CB  
143 C  CB  B ASN A 16 ? 0.2300 0.1952 0.3589 -0.0122 -0.0573 -0.0071 16 ASN A CB  
144 C  CG  A ASN A 16 ? 0.2193 0.1728 0.3574 -0.0209 -0.0463 -0.0133 16 ASN A CG  
145 C  CG  B ASN A 16 ? 0.2608 0.2266 0.3693 -0.0158 -0.0557 0.0028  16 ASN A CG  
146 O  OD1 A ASN A 16 ? 0.2843 0.2328 0.4434 -0.0221 -0.0401 -0.0217 16 ASN A OD1 
147 O  OD1 B ASN A 16 ? 0.1862 0.1676 0.2718 -0.0168 -0.0568 0.0337  16 ASN A OD1 
148 N  ND2 A ASN A 16 ? 0.2785 0.2258 0.3943 -0.0284 -0.0433 -0.0049 16 ASN A ND2 
149 N  ND2 B ASN A 16 ? 0.2543 0.2103 0.3579 -0.0246 -0.0468 0.0010  16 ASN A ND2 
150 N  N   . TRP A 17 ? 0.2005 0.1756 0.3680 0.0079  -0.0779 -0.0209 17 TRP A N   
151 C  CA  . TRP A 17 ? 0.1999 0.1758 0.3915 0.0114  -0.0829 -0.0272 17 TRP A CA  
152 C  C   . TRP A 17 ? 0.2129 0.1931 0.3925 0.0204  -0.0915 -0.0200 17 TRP A C   
153 O  O   . TRP A 17 ? 0.2429 0.2222 0.4333 0.0192  -0.0891 -0.0192 17 TRP A O   
154 C  CB  . TRP A 17 ? 0.2114 0.1885 0.4269 0.0169  -0.0939 -0.0380 17 TRP A CB  
155 C  CG  . TRP A 17 ? 0.2201 0.1932 0.4568 0.0081  -0.0837 -0.0446 17 TRP A CG  
156 C  CD1 . TRP A 17 ? 0.2451 0.2116 0.4860 -0.0025 -0.0647 -0.0434 17 TRP A CD1 
157 C  CD2 . TRP A 17 ? 0.1996 0.1723 0.4559 0.0098  -0.0913 -0.0531 17 TRP A CD2 
158 N  NE1 . TRP A 17 ? 0.2472 0.2102 0.5096 -0.0068 -0.0578 -0.0494 17 TRP A NE1 
159 C  CE2 . TRP A 17 ? 0.1933 0.1612 0.4688 -0.0001 -0.0744 -0.0554 17 TRP A CE2 
160 C  CE3 . TRP A 17 ? 0.2377 0.2108 0.4956 0.0191  -0.1113 -0.0591 17 TRP A CE3 
161 C  CZ2 . TRP A 17 ? 0.1957 0.1621 0.4970 -0.0017 -0.0760 -0.0623 17 TRP A CZ2 
162 C  CZ3 . TRP A 17 ? 0.2025 0.1726 0.4846 0.0167  -0.1154 -0.0675 17 TRP A CZ3 
163 C  CH2 . TRP A 17 ? 0.2243 0.1926 0.5308 0.0061  -0.0975 -0.0686 17 TRP A CH2 
164 N  N   . ASN A 18 ? 0.2196 0.2024 0.3762 0.0303  -0.0996 -0.0141 18 ASN A N   
165 C  CA  . ASN A 18 ? 0.2687 0.2537 0.4117 0.0406  -0.1056 -0.0052 18 ASN A CA  
166 C  C   . ASN A 18 ? 0.2311 0.2174 0.3699 0.0328  -0.0953 0.0055  18 ASN A C   
167 O  O   . ASN A 18 ? 0.2628 0.2493 0.4062 0.0361  -0.0969 0.0090  18 ASN A O   
168 C  CB  . ASN A 18 ? 0.3115 0.2959 0.4269 0.0535  -0.1114 0.0011  18 ASN A CB  
169 C  CG  . ASN A 18 ? 0.4456 0.4237 0.5597 0.0637  -0.1259 -0.0102 18 ASN A CG  
170 O  OD1 . ASN A 18 ? 0.4908 0.4676 0.6287 0.0624  -0.1347 -0.0213 18 ASN A OD1 
171 N  ND2 . ASN A 18 ? 0.4421 0.4147 0.5289 0.0742  -0.1288 -0.0071 18 ASN A ND2 
172 N  N   . LEU A 19 ? 0.2313 0.2169 0.3618 0.0224  -0.0864 0.0105  19 LEU A N   
173 C  CA  . LEU A 19 ? 0.2303 0.2143 0.3563 0.0134  -0.0798 0.0202  19 LEU A CA  
174 C  C   . LEU A 19 ? 0.2174 0.1926 0.3577 0.0044  -0.0741 0.0125  19 LEU A C   
175 O  O   . LEU A 19 ? 0.2383 0.2108 0.3801 0.0031  -0.0732 0.0177  19 LEU A O   
176 C  CB  . LEU A 19 ? 0.2877 0.2713 0.4012 0.0042  -0.0750 0.0270  19 LEU A CB  
177 C  CG  . LEU A 19 ? 0.3344 0.3268 0.4353 0.0125  -0.0773 0.0401  19 LEU A CG  
178 C  CD1 . LEU A 19 ? 0.3041 0.2964 0.3978 0.0048  -0.0739 0.0430  19 LEU A CD1 
179 C  CD2 . LEU A 19 ? 0.3352 0.3325 0.4347 0.0147  -0.0774 0.0559  19 LEU A CD2 
180 N  N   . GLU A 20 ? 0.2153 0.1842 0.3670 -0.0011 -0.0686 0.0011  20 GLU A N   
181 C  CA  . GLU A 20 ? 0.2619 0.2200 0.4272 -0.0076 -0.0597 -0.0057 20 GLU A CA  
182 C  C   . GLU A 20 ? 0.2477 0.2100 0.4319 0.0011  -0.0651 -0.0073 20 GLU A C   
183 O  O   . GLU A 20 ? 0.2393 0.1939 0.4283 -0.0020 -0.0593 -0.0065 20 GLU A O   
184 C  CB  . GLU A 20 ? 0.2760 0.2283 0.4558 -0.0116 -0.0513 -0.0161 20 GLU A CB  
185 C  CG  . GLU A 20 ? 0.3733 0.3152 0.5342 -0.0216 -0.0419 -0.0154 20 GLU A CG  
186 C  CD  . GLU A 20 ? 0.6809 0.6171 0.8590 -0.0238 -0.0317 -0.0244 20 GLU A CD  
187 O  OE1 . GLU A 20 ? 0.7819 0.7202 0.9901 -0.0197 -0.0297 -0.0309 20 GLU A OE1 
188 O  OE2 . GLU A 20 ? 0.8875 0.8173 1.0519 -0.0293 -0.0255 -0.0241 20 GLU A OE2 
189 N  N   A ASN A 21 ? 0.2230 0.1953 0.4159 0.0126  -0.0772 -0.0094 21 ASN A N   
190 N  N   B ASN A 21 ? 0.2294 0.2017 0.4226 0.0125  -0.0771 -0.0097 21 ASN A N   
191 C  CA  A ASN A 21 ? 0.2187 0.1942 0.4288 0.0218  -0.0851 -0.0106 21 ASN A CA  
192 C  CA  B ASN A 21 ? 0.2269 0.2030 0.4364 0.0222  -0.0858 -0.0108 21 ASN A CA  
193 C  C   A ASN A 21 ? 0.2181 0.1950 0.4127 0.0270  -0.0879 0.0009  21 ASN A C   
194 C  C   B ASN A 21 ? 0.2128 0.1891 0.4073 0.0259  -0.0869 0.0007  21 ASN A C   
195 O  O   A ASN A 21 ? 0.2697 0.2453 0.4768 0.0305  -0.0887 0.0019  21 ASN A O   
196 O  O   B ASN A 21 ? 0.1871 0.1607 0.3944 0.0272  -0.0853 0.0014  21 ASN A O   
197 C  CB  A ASN A 21 ? 0.2111 0.1930 0.4312 0.0327  -0.1006 -0.0167 21 ASN A CB  
198 C  CB  B ASN A 21 ? 0.2663 0.2487 0.4789 0.0341  -0.1021 -0.0151 21 ASN A CB  
199 C  CG  A ASN A 21 ? 0.3035 0.2846 0.5514 0.0278  -0.0987 -0.0279 21 ASN A CG  
200 C  CG  B ASN A 21 ? 0.3270 0.3117 0.5567 0.0447  -0.1145 -0.0167 21 ASN A CG  
201 O  OD1 A ASN A 21 ? 0.3761 0.3522 0.6427 0.0189  -0.0844 -0.0311 21 ASN A OD1 
202 O  OD1 B ASN A 21 ? 0.3958 0.3802 0.6572 0.0420  -0.1122 -0.0223 21 ASN A OD1 
203 N  ND2 A ASN A 21 ? 0.2597 0.2437 0.5108 0.0338  -0.1122 -0.0337 21 ASN A ND2 
204 N  ND2 B ASN A 21 ? 0.3931 0.3788 0.6013 0.0577  -0.1270 -0.0109 21 ASN A ND2 
205 N  N   . GLU A 22 ? 0.2304 0.2101 0.4008 0.0277  -0.0884 0.0107  22 GLU A N   
206 C  CA  . GLU A 22 ? 0.2394 0.2203 0.3988 0.0316  -0.0885 0.0240  22 GLU A CA  
207 C  C   . GLU A 22 ? 0.2084 0.1807 0.3728 0.0191  -0.0791 0.0258  22 GLU A C   
208 O  O   . GLU A 22 ? 0.2469 0.2165 0.4175 0.0219  -0.0788 0.0303  22 GLU A O   
209 C  CB  . GLU A 22 ? 0.2665 0.2528 0.4046 0.0350  -0.0888 0.0362  22 GLU A CB  
210 C  CG  . GLU A 22 ? 0.3063 0.2941 0.4396 0.0388  -0.0869 0.0520  22 GLU A CG  
211 C  CD  . GLU A 22 ? 0.5725 0.5668 0.6906 0.0450  -0.0851 0.0675  22 GLU A CD  
212 O  OE1 . GLU A 22 ? 0.5424 0.5395 0.6507 0.0469  -0.0855 0.0659  22 GLU A OE1 
213 O  OE2 . GLU A 22 ? 0.6933 0.6896 0.8116 0.0484  -0.0820 0.0823  22 GLU A OE2 
214 N  N   . VAL A 23 ? 0.2110 0.1758 0.3702 0.0059  -0.0718 0.0223  23 VAL A N   
215 C  CA  . VAL A 23 ? 0.2423 0.1923 0.3991 -0.0062 -0.0640 0.0223  23 VAL A CA  
216 C  C   . VAL A 23 ? 0.2601 0.2013 0.4349 -0.0051 -0.0581 0.0134  23 VAL A C   
217 O  O   . VAL A 23 ? 0.2613 0.1920 0.4365 -0.0083 -0.0545 0.0162  23 VAL A O   
218 C  CB  . VAL A 23 ? 0.2853 0.2244 0.4270 -0.0193 -0.0586 0.0190  23 VAL A CB  
219 C  CG1 . VAL A 23 ? 0.3064 0.2229 0.4407 -0.0305 -0.0507 0.0151  23 VAL A CG1 
220 C  CG2 . VAL A 23 ? 0.2731 0.2207 0.4009 -0.0214 -0.0648 0.0310  23 VAL A CG2 
221 N  N   . ALA A 24 ? 0.2369 0.1819 0.4293 -0.0003 -0.0574 0.0037  24 ALA A N   
222 C  CA  . ALA A 24 ? 0.2518 0.1915 0.4689 0.0025  -0.0516 -0.0031 24 ALA A CA  
223 C  C   . ALA A 24 ? 0.2606 0.2069 0.4875 0.0128  -0.0597 0.0031  24 ALA A C   
224 O  O   . ALA A 24 ? 0.2846 0.2215 0.5220 0.0121  -0.0530 0.0031  24 ALA A O   
225 C  CB  . ALA A 24 ? 0.2402 0.1860 0.4812 0.0060  -0.0519 -0.0126 24 ALA A CB  
226 N  N   A ARG A 25 ? 0.2219 0.1815 0.4432 0.0235  -0.0732 0.0089  25 ARG A N   
227 N  N   B ARG A 25 ? 0.2321 0.1917 0.4531 0.0234  -0.0732 0.0088  25 ARG A N   
228 C  CA  A ARG A 25 ? 0.2523 0.2161 0.4780 0.0349  -0.0808 0.0161  25 ARG A CA  
229 C  CA  B ARG A 25 ? 0.2535 0.2178 0.4786 0.0350  -0.0812 0.0162  25 ARG A CA  
230 C  C   A ARG A 25 ? 0.2485 0.2051 0.4625 0.0301  -0.0746 0.0267  25 ARG A C   
231 C  C   B ARG A 25 ? 0.2475 0.2045 0.4614 0.0304  -0.0749 0.0268  25 ARG A C   
232 O  O   A ARG A 25 ? 0.2838 0.2364 0.5083 0.0340  -0.0733 0.0301  25 ARG A O   
233 O  O   B ARG A 25 ? 0.3011 0.2543 0.5256 0.0346  -0.0739 0.0302  25 ARG A O   
234 C  CB  A ARG A 25 ? 0.2538 0.2281 0.4673 0.0488  -0.0955 0.0205  25 ARG A CB  
235 C  CB  B ARG A 25 ? 0.2711 0.2456 0.4821 0.0485  -0.0953 0.0210  25 ARG A CB  
236 C  CG  A ARG A 25 ? 0.3280 0.3073 0.5559 0.0552  -0.1067 0.0097  25 ARG A CG  
237 C  CG  B ARG A 25 ? 0.3138 0.2933 0.5372 0.0548  -0.1066 0.0103  25 ARG A CG  
238 C  CD  A ARG A 25 ? 0.2993 0.2819 0.5102 0.0717  -0.1236 0.0136  25 ARG A CD  
239 C  CD  B ARG A 25 ? 0.3032 0.2862 0.5044 0.0696  -0.1214 0.0143  25 ARG A CD  
240 N  NE  A ARG A 25 ? 0.2995 0.2827 0.4779 0.0747  -0.1224 0.0215  25 ARG A NE  
241 N  NE  B ARG A 25 ? 0.4372 0.4189 0.6343 0.0833  -0.1300 0.0217  25 ARG A NE  
242 C  CZ  A ARG A 25 ? 0.2799 0.2642 0.4484 0.0725  -0.1238 0.0163  25 ARG A CZ  
243 C  CZ  B ARG A 25 ? 0.5723 0.5518 0.7514 0.0992  -0.1455 0.0230  25 ARG A CZ  
244 N  NH1 A ARG A 25 ? 0.3815 0.3664 0.5703 0.0666  -0.1269 0.0032  25 ARG A NH1 
245 N  NH1 B ARG A 25 ? 0.6597 0.6379 0.8248 0.1029  -0.1546 0.0164  25 ARG A NH1 
246 N  NH2 A ARG A 25 ? 0.3425 0.3273 0.4836 0.0765  -0.1210 0.0254  25 ARG A NH2 
247 N  NH2 B ARG A 25 ? 0.5421 0.5181 0.7148 0.1119  -0.1522 0.0307  25 ARG A NH2 
248 N  N   . LEU A 26 ? 0.2332 0.1879 0.4281 0.0214  -0.0716 0.0325  26 LEU A N   
249 C  CA  . LEU A 26 ? 0.2324 0.1797 0.4202 0.0152  -0.0680 0.0430  26 LEU A CA  
250 C  C   . LEU A 26 ? 0.2333 0.1617 0.4274 0.0051  -0.0586 0.0360  26 LEU A C   
251 O  O   . LEU A 26 ? 0.2469 0.1680 0.4455 0.0052  -0.0567 0.0417  26 LEU A O   
252 C  CB  . LEU A 26 ? 0.2347 0.1848 0.4057 0.0076  -0.0692 0.0514  26 LEU A CB  
253 C  CG  . LEU A 26 ? 0.2205 0.1864 0.3841 0.0199  -0.0752 0.0618  26 LEU A CG  
254 C  CD1 . LEU A 26 ? 0.2718 0.2412 0.4240 0.0119  -0.0751 0.0678  26 LEU A CD1 
255 C  CD2 . LEU A 26 ? 0.2791 0.2486 0.4450 0.0299  -0.0760 0.0764  26 LEU A CD2 
256 N  N   . LYS A 27 ? 0.2587 0.1772 0.4522 -0.0026 -0.0513 0.0239  27 LYS A N   
257 C  CA  . LYS A 27 ? 0.2849 0.1808 0.4800 -0.0101 -0.0393 0.0164  27 LYS A CA  
258 C  C   . LYS A 27 ? 0.2463 0.1427 0.4663 -0.0005 -0.0361 0.0150  27 LYS A C   
259 O  O   . LYS A 27 ? 0.3038 0.1840 0.5247 -0.0032 -0.0292 0.0156  27 LYS A O   
260 C  CB  . LYS A 27 ? 0.3094 0.1943 0.4995 -0.0167 -0.0294 0.0048  27 LYS A CB  
261 C  CG  . LYS A 27 ? 0.3484 0.2230 0.5096 -0.0287 -0.0300 0.0052  27 LYS A CG  
262 C  CD  . LYS A 27 ? 0.4368 0.3005 0.5936 -0.0326 -0.0186 -0.0055 27 LYS A CD  
263 C  CE  . LYS A 27 ? 0.5140 0.3613 0.6378 -0.0446 -0.0188 -0.0053 27 LYS A CE  
264 N  NZ  . LYS A 27 ? 0.5973 0.4361 0.7160 -0.0463 -0.0073 -0.0138 27 LYS A NZ  
265 N  N   . LYS A 28 ? 0.2646 0.1785 0.5053 0.0110  -0.0425 0.0131  28 LYS A N   
266 C  CA  . LYS A 28 ? 0.2699 0.1859 0.5377 0.0208  -0.0421 0.0128  28 LYS A CA  
267 C  C   . LYS A 28 ? 0.2461 0.1639 0.5095 0.0269  -0.0482 0.0247  28 LYS A C   
268 O  O   . LYS A 28 ? 0.3318 0.2412 0.6095 0.0299  -0.0428 0.0261  28 LYS A O   
269 C  CB  . LYS A 28 ? 0.3187 0.2522 0.6101 0.0312  -0.0523 0.0084  28 LYS A CB  
270 C  CG  . LYS A 28 ? 0.5738 0.5035 0.8893 0.0275  -0.0419 -0.0026 28 LYS A CG  
271 C  CD  . LYS A 28 ? 0.8343 0.7765 1.1517 0.0278  -0.0503 -0.0079 28 LYS A CD  
272 C  CE  . LYS A 28 ? 0.8344 0.7941 1.1709 0.0406  -0.0709 -0.0074 28 LYS A CE  
273 N  NZ  . LYS A 28 ? 0.7211 0.6895 1.0524 0.0406  -0.0809 -0.0125 28 LYS A NZ  
274 N  N   . LEU A 29 ? 0.2868 0.2145 0.5319 0.0293  -0.0575 0.0344  29 LEU A N   
275 C  CA  . LEU A 29 ? 0.3006 0.2300 0.5421 0.0359  -0.0613 0.0481  29 LEU A CA  
276 C  C   . LEU A 29 ? 0.3162 0.2273 0.5545 0.0251  -0.0521 0.0515  29 LEU A C   
277 O  O   . LEU A 29 ? 0.3224 0.2283 0.5705 0.0302  -0.0502 0.0577  29 LEU A O   
278 C  CB  . LEU A 29 ? 0.3171 0.2584 0.5395 0.0400  -0.0688 0.0593  29 LEU A CB  
279 C  CG  . LEU A 29 ? 0.3201 0.2748 0.5387 0.0575  -0.0799 0.0634  29 LEU A CG  
280 C  CD1 . LEU A 29 ? 0.3451 0.3070 0.5422 0.0604  -0.0820 0.0747  29 LEU A CD1 
281 C  CD2 . LEU A 29 ? 0.3594 0.3127 0.5870 0.0701  -0.0827 0.0711  29 LEU A CD2 
282 N  N   . VAL A 30 ? 0.3046 0.2040 0.5274 0.0103  -0.0478 0.0477  30 VAL A N   
283 C  CA  . VAL A 30 ? 0.3476 0.2256 0.5628 -0.0014 -0.0426 0.0500  30 VAL A CA  
284 C  C   . VAL A 30 ? 0.4617 0.3155 0.6784 -0.0069 -0.0303 0.0369  30 VAL A C   
285 O  O   . VAL A 30 ? 0.7711 0.5998 0.9737 -0.0182 -0.0256 0.0346  30 VAL A O   
286 C  CB  . VAL A 30 ? 0.3676 0.2418 0.5633 -0.0147 -0.0474 0.0543  30 VAL A CB  
287 C  CG1 . VAL A 30 ? 0.3778 0.2754 0.5748 -0.0077 -0.0560 0.0690  30 VAL A CG1 
288 C  CG2 . VAL A 30 ? 0.3662 0.2336 0.5473 -0.0229 -0.0445 0.0418  30 VAL A CG2 
289 N  N   . GLY A 31 ? 0.3948 0.2545 0.6289 0.0016  -0.0252 0.0289  31 GLY A N   
290 C  CA  . GLY A 31 ? 0.6878 0.5255 0.9281 -0.0008 -0.0098 0.0183  31 GLY A CA  
291 C  C   . GLY A 31 ? 1.1166 0.9288 1.3286 -0.0145 -0.0012 0.0093  31 GLY A C   
292 O  O   . GLY A 31 ? 1.1921 0.9765 1.3845 -0.0234 0.0034  0.0080  31 GLY A O   
293 N  N   . GLU A 32 ? 1.3640 1.1834 1.5720 -0.0162 0.0000  0.0031  32 GLU A N   
294 C  CA  . GLU A 32 ? 1.3841 1.1798 1.5617 -0.0278 0.0076  -0.0046 32 GLU A CA  
295 C  C   . GLU A 32 ? 1.3176 1.1096 1.5052 -0.0246 0.0226  -0.0142 32 GLU A C   
296 O  O   . GLU A 32 ? 1.2398 1.0450 1.4258 -0.0256 0.0195  -0.0161 32 GLU A O   
297 C  CB  . GLU A 32 ? 1.3653 1.1724 1.5228 -0.0353 -0.0070 0.0007  32 GLU A CB  
298 NA NA  . NA  B .  ? 0.7535 0.7234 0.9475 0.0567  -0.1567 -0.0516 34 NA  A NA  
299 NA NA  . NA  C .  ? 0.5775 0.5402 0.8526 -0.0005 -0.0553 -0.0398 35 NA  A NA  
300 O  O   . HOH D .  ? 0.5713 0.5255 0.8657 0.0022  -0.0450 -0.0353 36 HOH A O   
301 O  O   . HOH D .  ? 0.5790 0.4677 0.7678 -0.0254 -0.0106 -0.0202 37 HOH A O   
302 O  O   . HOH D .  ? 0.5912 0.5743 0.6408 0.0748  -0.1006 0.0287  38 HOH A O   
303 O  O   . HOH D .  ? 0.4861 0.4013 0.6615 -0.0238 -0.0291 -0.0149 39 HOH A O   
304 O  O   . HOH D .  ? 0.5458 0.5124 0.8113 0.0625  -0.0956 0.0247  40 HOH A O   
305 O  O   . HOH D .  ? 0.5181 0.5034 0.6571 0.0649  -0.1211 0.0077  41 HOH A O   
306 O  O   . HOH D .  ? 0.7012 0.6596 0.7453 0.0756  -0.1132 -0.0081 42 HOH A O   
307 O  O   . HOH D .  ? 0.4814 0.3708 0.8044 0.0324  -0.0204 0.0145  43 HOH A O   
308 O  O   . HOH D .  ? 0.6014 0.5426 0.8653 -0.0234 -0.0178 -0.0481 44 HOH A O   
309 O  O   . HOH D .  ? 0.5593 0.4650 0.8221 -0.0004 -0.0185 -0.0154 45 HOH A O   
310 O  O   . HOH D .  ? 0.6478 0.5798 0.9013 -0.0230 -0.0107 -0.0428 46 HOH A O   
311 O  O   . HOH D .  ? 0.5496 0.5246 0.7703 0.0846  -0.1163 0.0388  47 HOH A O   
312 O  O   . HOH D .  ? 0.7033 0.5664 0.9634 -0.0062 0.0111  -0.0190 48 HOH A O   
313 O  O   . HOH D .  ? 0.6860 0.5838 0.6950 0.0756  -0.0389 0.0072  49 HOH A O   
314 O  O   . HOH D .  ? 0.7804 0.6705 0.7333 0.1117  -0.0940 -0.0157 50 HOH A O   
315 O  O   . HOH D .  ? 0.6820 0.5662 0.9013 0.0033  -0.0527 -0.0668 51 HOH A O   
316 O  O   . HOH D .  ? 0.8619 0.8334 0.9061 0.0451  -0.0651 0.0229  52 HOH A O   
317 O  O   . HOH D .  ? 0.6599 0.5504 0.7754 -0.0437 -0.0249 -0.0093 53 HOH A O   
318 O  O   . HOH D .  ? 0.5932 0.5980 0.6843 0.0644  -0.0785 0.0956  54 HOH A O   
319 O  O   . HOH D .  ? 0.7044 0.5942 0.9447 -0.0135 -0.0023 -0.0241 55 HOH A O   
# 
loop_
_pdbx_poly_seq_scheme.asym_id 
_pdbx_poly_seq_scheme.entity_id 
_pdbx_poly_seq_scheme.seq_id 
_pdbx_poly_seq_scheme.mon_id 
_pdbx_poly_seq_scheme.ndb_seq_num 
_pdbx_poly_seq_scheme.pdb_seq_num 
_pdbx_poly_seq_scheme.auth_seq_num 
_pdbx_poly_seq_scheme.pdb_mon_id 
_pdbx_poly_seq_scheme.auth_mon_id 
_pdbx_poly_seq_scheme.pdb_strand_id 
_pdbx_poly_seq_scheme.pdb_ins_code 
_pdbx_poly_seq_scheme.hetero 
A 1 1  ARG 1  1  ?  ?   ?   A . n 
A 1 2  MET 2  2  ?  ?   ?   A . n 
A 1 3  ALA 3  3  3  ALA ALA A . n 
A 1 4  GLN 4  4  4  GLN GLN A . n 
A 1 5  LEU 5  5  5  LEU LEU A . n 
A 1 6  GLU 6  6  6  GLU GLU A . n 
A 1 7  ALA 7  7  7  ALA ALA A . n 
A 1 8  LYS 8  8  8  LYS LYS A . n 
A 1 9  VAL 9  9  9  VAL VAL A . n 
A 1 10 GLU 10 10 10 GLU GLU A . n 
A 1 11 GLU 11 11 11 GLU GLU A . n 
A 1 12 LEU 12 12 12 LEU LEU A . n 
A 1 13 LEU 13 13 13 LEU LEU A . n 
A 1 14 SER 14 14 14 SER SER A . n 
A 1 15 LYS 15 15 15 LYS LYS A . n 
A 1 16 ASN 16 16 16 ASN ASN A . n 
A 1 17 TRP 17 17 17 TRP TRP A . n 
A 1 18 ASN 18 18 18 ASN ASN A . n 
A 1 19 LEU 19 19 19 LEU LEU A . n 
A 1 20 GLU 20 20 20 GLU GLU A . n 
A 1 21 ASN 21 21 21 ASN ASN A . n 
A 1 22 GLU 22 22 22 GLU GLU A . n 
A 1 23 VAL 23 23 23 VAL VAL A . n 
A 1 24 ALA 24 24 24 ALA ALA A . n 
A 1 25 ARG 25 25 25 ARG ARG A . n 
A 1 26 LEU 26 26 26 LEU LEU A . n 
A 1 27 LYS 27 27 27 LYS LYS A . n 
A 1 28 LYS 28 28 28 LYS LYS A . n 
A 1 29 LEU 29 29 29 LEU LEU A . n 
A 1 30 VAL 30 30 30 VAL VAL A . n 
A 1 31 GLY 31 31 31 GLY GLY A . n 
A 1 32 GLU 32 32 32 GLU GLU A . n 
A 1 33 ARG 33 33 ?  ?   ?   A . n 
# 
loop_
_pdbx_nonpoly_scheme.asym_id 
_pdbx_nonpoly_scheme.entity_id 
_pdbx_nonpoly_scheme.mon_id 
_pdbx_nonpoly_scheme.ndb_seq_num 
_pdbx_nonpoly_scheme.pdb_seq_num 
_pdbx_nonpoly_scheme.auth_seq_num 
_pdbx_nonpoly_scheme.pdb_mon_id 
_pdbx_nonpoly_scheme.auth_mon_id 
_pdbx_nonpoly_scheme.pdb_strand_id 
_pdbx_nonpoly_scheme.pdb_ins_code 
B 2 NA  1  34 1  NA  NA  A . 
C 2 NA  1  35 1  NA  NA  A . 
D 3 HOH 1  36 1  HOH HOH A . 
D 3 HOH 2  37 2  HOH HOH A . 
D 3 HOH 3  38 3  HOH HOH A . 
D 3 HOH 4  39 4  HOH HOH A . 
D 3 HOH 5  40 5  HOH HOH A . 
D 3 HOH 6  41 6  HOH HOH A . 
D 3 HOH 7  42 7  HOH HOH A . 
D 3 HOH 8  43 9  HOH HOH A . 
D 3 HOH 9  44 11 HOH HOH A . 
D 3 HOH 10 45 16 HOH HOH A . 
D 3 HOH 11 46 17 HOH HOH A . 
D 3 HOH 12 47 21 HOH HOH A . 
D 3 HOH 13 48 24 HOH HOH A . 
D 3 HOH 14 49 25 HOH HOH A . 
D 3 HOH 15 50 26 HOH HOH A . 
D 3 HOH 16 51 27 HOH HOH A . 
D 3 HOH 17 52 28 HOH HOH A . 
D 3 HOH 18 53 29 HOH HOH A . 
D 3 HOH 19 54 30 HOH HOH A . 
D 3 HOH 20 55 31 HOH HOH A . 
# 
_pdbx_struct_assembly.id                   1 
_pdbx_struct_assembly.details              author_and_software_defined_assembly 
_pdbx_struct_assembly.method_details       PISA 
_pdbx_struct_assembly.oligomeric_details   dimeric 
_pdbx_struct_assembly.oligomeric_count     2 
# 
_pdbx_struct_assembly_gen.assembly_id       1 
_pdbx_struct_assembly_gen.oper_expression   1,2 
_pdbx_struct_assembly_gen.asym_id_list      A,B,C,D 
# 
loop_
_pdbx_struct_assembly_prop.biol_id 
_pdbx_struct_assembly_prop.type 
_pdbx_struct_assembly_prop.value 
_pdbx_struct_assembly_prop.details 
1 'ABSA (A^2)' 1370 ? 
1 MORE         -36  ? 
1 'SSA (A^2)'  5100 ? 
# 
loop_
_pdbx_struct_oper_list.id 
_pdbx_struct_oper_list.type 
_pdbx_struct_oper_list.name 
_pdbx_struct_oper_list.symmetry_operation 
_pdbx_struct_oper_list.matrix[1][1] 
_pdbx_struct_oper_list.matrix[1][2] 
_pdbx_struct_oper_list.matrix[1][3] 
_pdbx_struct_oper_list.vector[1] 
_pdbx_struct_oper_list.matrix[2][1] 
_pdbx_struct_oper_list.matrix[2][2] 
_pdbx_struct_oper_list.matrix[2][3] 
_pdbx_struct_oper_list.vector[2] 
_pdbx_struct_oper_list.matrix[3][1] 
_pdbx_struct_oper_list.matrix[3][2] 
_pdbx_struct_oper_list.matrix[3][3] 
_pdbx_struct_oper_list.vector[3] 
1 'identity operation'         1_555 x,y,z  1.0000000000  0.0000000000 0.0000000000  0.0000000000  0.0000000000 1.0000000000 0.0000000000  0.0000000000  0.0000000000  0.0000000000  1.0000000000  0.0000000000  
2 'crystal symmetry operation' 4_555 y,x,-z -0.9836863911 0.1745641854 -0.0434560598 -7.2990994513 0.1745641854 0.8679284893 -0.4650026694 -0.9211241591 -0.0434560598 -0.4650026694 -0.8842420982 -6.4402972408 
# 
_pdbx_struct_special_symmetry.id              1 
_pdbx_struct_special_symmetry.PDB_model_num   1 
_pdbx_struct_special_symmetry.auth_asym_id    A 
_pdbx_struct_special_symmetry.auth_comp_id    ASN 
_pdbx_struct_special_symmetry.auth_seq_id     16 
_pdbx_struct_special_symmetry.PDB_ins_code    ? 
_pdbx_struct_special_symmetry.label_asym_id   A 
_pdbx_struct_special_symmetry.label_comp_id   ASN 
_pdbx_struct_special_symmetry.label_seq_id    16 
# 
loop_
_pdbx_struct_conn_angle.id 
_pdbx_struct_conn_angle.ptnr1_label_atom_id 
_pdbx_struct_conn_angle.ptnr1_label_alt_id 
_pdbx_struct_conn_angle.ptnr1_label_asym_id 
_pdbx_struct_conn_angle.ptnr1_label_comp_id 
_pdbx_struct_conn_angle.ptnr1_label_seq_id 
_pdbx_struct_conn_angle.ptnr1_auth_atom_id 
_pdbx_struct_conn_angle.ptnr1_auth_asym_id 
_pdbx_struct_conn_angle.ptnr1_auth_comp_id 
_pdbx_struct_conn_angle.ptnr1_auth_seq_id 
_pdbx_struct_conn_angle.ptnr1_PDB_ins_code 
_pdbx_struct_conn_angle.ptnr1_symmetry 
_pdbx_struct_conn_angle.ptnr2_label_atom_id 
_pdbx_struct_conn_angle.ptnr2_label_alt_id 
_pdbx_struct_conn_angle.ptnr2_label_asym_id 
_pdbx_struct_conn_angle.ptnr2_label_comp_id 
_pdbx_struct_conn_angle.ptnr2_label_seq_id 
_pdbx_struct_conn_angle.ptnr2_auth_atom_id 
_pdbx_struct_conn_angle.ptnr2_auth_asym_id 
_pdbx_struct_conn_angle.ptnr2_auth_comp_id 
_pdbx_struct_conn_angle.ptnr2_auth_seq_id 
_pdbx_struct_conn_angle.ptnr2_PDB_ins_code 
_pdbx_struct_conn_angle.ptnr2_symmetry 
_pdbx_struct_conn_angle.ptnr3_label_atom_id 
_pdbx_struct_conn_angle.ptnr3_label_alt_id 
_pdbx_struct_conn_angle.ptnr3_label_asym_id 
_pdbx_struct_conn_angle.ptnr3_label_comp_id 
_pdbx_struct_conn_angle.ptnr3_label_seq_id 
_pdbx_struct_conn_angle.ptnr3_auth_atom_id 
_pdbx_struct_conn_angle.ptnr3_auth_asym_id 
_pdbx_struct_conn_angle.ptnr3_auth_comp_id 
_pdbx_struct_conn_angle.ptnr3_auth_seq_id 
_pdbx_struct_conn_angle.ptnr3_PDB_ins_code 
_pdbx_struct_conn_angle.ptnr3_symmetry 
_pdbx_struct_conn_angle.value 
_pdbx_struct_conn_angle.value_esd 
1 OE1 ? A GLU 20 ? A GLU 20 ? 1_555 NA ? C NA . ? A NA 35 ? 1_555 OD1 A A ASN 21 ? A ASN 21 ? 1_555 125.6 ? 
2 OE1 ? A GLU 20 ? A GLU 20 ? 1_555 NA ? C NA . ? A NA 35 ? 1_555 O   ? D HOH .  ? A HOH 36 ? 1_555 104.1 ? 
3 OD1 A A ASN 21 ? A ASN 21 ? 1_555 NA ? C NA . ? A NA 35 ? 1_555 O   ? D HOH .  ? A HOH 36 ? 1_555 57.3  ? 
# 
loop_
_pdbx_audit_revision_history.ordinal 
_pdbx_audit_revision_history.data_content_type 
_pdbx_audit_revision_history.major_revision 
_pdbx_audit_revision_history.minor_revision 
_pdbx_audit_revision_history.revision_date 
1 'Structure model' 1 0 2011-02-16 
2 'Structure model' 1 1 2011-07-13 
3 'Structure model' 1 2 2021-10-06 
4 'Structure model' 1 3 2023-09-06 
# 
_pdbx_audit_revision_details.ordinal             1 
_pdbx_audit_revision_details.revision_ordinal    1 
_pdbx_audit_revision_details.data_content_type   'Structure model' 
_pdbx_audit_revision_details.provider            repository 
_pdbx_audit_revision_details.type                'Initial release' 
_pdbx_audit_revision_details.description         ? 
_pdbx_audit_revision_details.details             ? 
# 
loop_
_pdbx_audit_revision_group.ordinal 
_pdbx_audit_revision_group.revision_ordinal 
_pdbx_audit_revision_group.data_content_type 
_pdbx_audit_revision_group.group 
1 2 'Structure model' 'Version format compliance' 
2 3 'Structure model' 'Database references'       
3 3 'Structure model' 'Derived calculations'      
4 4 'Structure model' 'Data collection'           
5 4 'Structure model' 'Refinement description'    
# 
loop_
_pdbx_audit_revision_category.ordinal 
_pdbx_audit_revision_category.revision_ordinal 
_pdbx_audit_revision_category.data_content_type 
_pdbx_audit_revision_category.category 
1 3 'Structure model' database_2                    
2 3 'Structure model' pdbx_struct_conn_angle        
3 3 'Structure model' struct_conn                   
4 3 'Structure model' struct_ref_seq_dif            
5 3 'Structure model' struct_site                   
6 4 'Structure model' chem_comp_atom                
7 4 'Structure model' chem_comp_bond                
8 4 'Structure model' pdbx_initial_refinement_model 
# 
loop_
_pdbx_audit_revision_item.ordinal 
_pdbx_audit_revision_item.revision_ordinal 
_pdbx_audit_revision_item.data_content_type 
_pdbx_audit_revision_item.item 
1  3 'Structure model' '_database_2.pdbx_DOI'                        
2  3 'Structure model' '_database_2.pdbx_database_accession'         
3  3 'Structure model' '_pdbx_struct_conn_angle.ptnr1_auth_comp_id'  
4  3 'Structure model' '_pdbx_struct_conn_angle.ptnr1_auth_seq_id'   
5  3 'Structure model' '_pdbx_struct_conn_angle.ptnr1_label_alt_id'  
6  3 'Structure model' '_pdbx_struct_conn_angle.ptnr1_label_asym_id' 
7  3 'Structure model' '_pdbx_struct_conn_angle.ptnr1_label_atom_id' 
8  3 'Structure model' '_pdbx_struct_conn_angle.ptnr1_label_comp_id' 
9  3 'Structure model' '_pdbx_struct_conn_angle.ptnr1_label_seq_id'  
10 3 'Structure model' '_pdbx_struct_conn_angle.ptnr3_auth_comp_id'  
11 3 'Structure model' '_pdbx_struct_conn_angle.ptnr3_auth_seq_id'   
12 3 'Structure model' '_pdbx_struct_conn_angle.ptnr3_label_alt_id'  
13 3 'Structure model' '_pdbx_struct_conn_angle.ptnr3_label_asym_id' 
14 3 'Structure model' '_pdbx_struct_conn_angle.ptnr3_label_atom_id' 
15 3 'Structure model' '_pdbx_struct_conn_angle.ptnr3_label_comp_id' 
16 3 'Structure model' '_pdbx_struct_conn_angle.ptnr3_label_seq_id'  
17 3 'Structure model' '_pdbx_struct_conn_angle.value'               
18 3 'Structure model' '_struct_conn.pdbx_dist_value'                
19 3 'Structure model' '_struct_conn.pdbx_ptnr1_label_alt_id'        
20 3 'Structure model' '_struct_conn.ptnr1_auth_comp_id'             
21 3 'Structure model' '_struct_conn.ptnr1_auth_seq_id'              
22 3 'Structure model' '_struct_conn.ptnr1_label_asym_id'            
23 3 'Structure model' '_struct_conn.ptnr1_label_atom_id'            
24 3 'Structure model' '_struct_conn.ptnr1_label_comp_id'            
25 3 'Structure model' '_struct_conn.ptnr1_label_seq_id'             
26 3 'Structure model' '_struct_conn.ptnr2_auth_comp_id'             
27 3 'Structure model' '_struct_conn.ptnr2_auth_seq_id'              
28 3 'Structure model' '_struct_conn.ptnr2_label_asym_id'            
29 3 'Structure model' '_struct_conn.ptnr2_label_atom_id'            
30 3 'Structure model' '_struct_conn.ptnr2_label_comp_id'            
31 3 'Structure model' '_struct_ref_seq_dif.details'                 
32 3 'Structure model' '_struct_site.pdbx_auth_asym_id'              
33 3 'Structure model' '_struct_site.pdbx_auth_comp_id'              
34 3 'Structure model' '_struct_site.pdbx_auth_seq_id'               
# 
_pdbx_refine_tls.pdbx_refine_id   'X-RAY DIFFRACTION' 
_pdbx_refine_tls.id               1 
_pdbx_refine_tls.details          ? 
_pdbx_refine_tls.method           refined 
_pdbx_refine_tls.origin_x         -0.0072 
_pdbx_refine_tls.origin_y         0.2730 
_pdbx_refine_tls.origin_z         0.1692 
_pdbx_refine_tls.T[1][1]          0.1624 
_pdbx_refine_tls.T[2][2]          0.1434 
_pdbx_refine_tls.T[3][3]          0.3075 
_pdbx_refine_tls.T[1][2]          0.0197 
_pdbx_refine_tls.T[1][3]          -0.0879 
_pdbx_refine_tls.T[2][3]          -0.0110 
_pdbx_refine_tls.L[1][1]          1.1360 
_pdbx_refine_tls.L[2][2]          3.8195 
_pdbx_refine_tls.L[3][3]          0.8616 
_pdbx_refine_tls.L[1][2]          -0.7783 
_pdbx_refine_tls.L[1][3]          -0.1298 
_pdbx_refine_tls.L[2][3]          -0.9841 
_pdbx_refine_tls.S[1][1]          -0.1903 
_pdbx_refine_tls.S[1][2]          -0.1973 
_pdbx_refine_tls.S[1][3]          -0.0138 
_pdbx_refine_tls.S[2][1]          0.1295 
_pdbx_refine_tls.S[2][2]          0.3583 
_pdbx_refine_tls.S[2][3]          -0.5140 
_pdbx_refine_tls.S[3][1]          -0.0105 
_pdbx_refine_tls.S[3][2]          -0.0505 
_pdbx_refine_tls.S[3][3]          -0.1396 
# 
_pdbx_refine_tls_group.pdbx_refine_id      'X-RAY DIFFRACTION' 
_pdbx_refine_tls_group.id                  1 
_pdbx_refine_tls_group.refine_tls_id       1 
_pdbx_refine_tls_group.beg_auth_asym_id    ? 
_pdbx_refine_tls_group.beg_auth_seq_id     ? 
_pdbx_refine_tls_group.beg_label_asym_id   ? 
_pdbx_refine_tls_group.beg_label_seq_id    ? 
_pdbx_refine_tls_group.end_auth_asym_id    ? 
_pdbx_refine_tls_group.end_auth_seq_id     ? 
_pdbx_refine_tls_group.end_label_asym_id   ? 
_pdbx_refine_tls_group.end_label_seq_id    ? 
_pdbx_refine_tls_group.selection           ? 
_pdbx_refine_tls_group.selection_details   all 
# 
loop_
_software.name 
_software.classification 
_software.version 
_software.citation_id 
_software.pdbx_ordinal 
HKL-2000 'data collection' .                        ? 1 
PHASER   phasing           .                        ? 2 
PHENIX   refinement        '(phenix.refine: 1.5_2)' ? 3 
HKL-2000 'data reduction'  .                        ? 4 
HKL-2000 'data scaling'    .                        ? 5 
# 
_pdbx_validate_planes.id              1 
_pdbx_validate_planes.PDB_model_num   1 
_pdbx_validate_planes.auth_comp_id    ASN 
_pdbx_validate_planes.auth_asym_id    A 
_pdbx_validate_planes.auth_seq_id     16 
_pdbx_validate_planes.PDB_ins_code    ? 
_pdbx_validate_planes.label_alt_id    A 
_pdbx_validate_planes.rmsd            0.111 
_pdbx_validate_planes.type            'SIDE CHAIN' 
# 
loop_
_pdbx_unobs_or_zero_occ_atoms.id 
_pdbx_unobs_or_zero_occ_atoms.PDB_model_num 
_pdbx_unobs_or_zero_occ_atoms.polymer_flag 
_pdbx_unobs_or_zero_occ_atoms.occupancy_flag 
_pdbx_unobs_or_zero_occ_atoms.auth_asym_id 
_pdbx_unobs_or_zero_occ_atoms.auth_comp_id 
_pdbx_unobs_or_zero_occ_atoms.auth_seq_id 
_pdbx_unobs_or_zero_occ_atoms.PDB_ins_code 
_pdbx_unobs_or_zero_occ_atoms.auth_atom_id 
_pdbx_unobs_or_zero_occ_atoms.label_alt_id 
_pdbx_unobs_or_zero_occ_atoms.label_asym_id 
_pdbx_unobs_or_zero_occ_atoms.label_comp_id 
_pdbx_unobs_or_zero_occ_atoms.label_seq_id 
_pdbx_unobs_or_zero_occ_atoms.label_atom_id 
1 1 Y 1 A GLU 32 ? CG  ? A GLU 32 CG  
2 1 Y 1 A GLU 32 ? CD  ? A GLU 32 CD  
3 1 Y 1 A GLU 32 ? OE1 ? A GLU 32 OE1 
4 1 Y 1 A GLU 32 ? OE2 ? A GLU 32 OE2 
# 
loop_
_pdbx_unobs_or_zero_occ_residues.id 
_pdbx_unobs_or_zero_occ_residues.PDB_model_num 
_pdbx_unobs_or_zero_occ_residues.polymer_flag 
_pdbx_unobs_or_zero_occ_residues.occupancy_flag 
_pdbx_unobs_or_zero_occ_residues.auth_asym_id 
_pdbx_unobs_or_zero_occ_residues.auth_comp_id 
_pdbx_unobs_or_zero_occ_residues.auth_seq_id 
_pdbx_unobs_or_zero_occ_residues.PDB_ins_code 
_pdbx_unobs_or_zero_occ_residues.label_asym_id 
_pdbx_unobs_or_zero_occ_residues.label_comp_id 
_pdbx_unobs_or_zero_occ_residues.label_seq_id 
1 1 Y 1 A ARG 1  ? A ARG 1  
2 1 Y 1 A MET 2  ? A MET 2  
3 1 Y 1 A ARG 33 ? A ARG 33 
# 
loop_
_chem_comp_atom.comp_id 
_chem_comp_atom.atom_id 
_chem_comp_atom.type_symbol 
_chem_comp_atom.pdbx_aromatic_flag 
_chem_comp_atom.pdbx_stereo_config 
_chem_comp_atom.pdbx_ordinal 
ALA N    N  N N 1   
ALA CA   C  N S 2   
ALA C    C  N N 3   
ALA O    O  N N 4   
ALA CB   C  N N 5   
ALA OXT  O  N N 6   
ALA H    H  N N 7   
ALA H2   H  N N 8   
ALA HA   H  N N 9   
ALA HB1  H  N N 10  
ALA HB2  H  N N 11  
ALA HB3  H  N N 12  
ALA HXT  H  N N 13  
ARG N    N  N N 14  
ARG CA   C  N S 15  
ARG C    C  N N 16  
ARG O    O  N N 17  
ARG CB   C  N N 18  
ARG CG   C  N N 19  
ARG CD   C  N N 20  
ARG NE   N  N N 21  
ARG CZ   C  N N 22  
ARG NH1  N  N N 23  
ARG NH2  N  N N 24  
ARG OXT  O  N N 25  
ARG H    H  N N 26  
ARG H2   H  N N 27  
ARG HA   H  N N 28  
ARG HB2  H  N N 29  
ARG HB3  H  N N 30  
ARG HG2  H  N N 31  
ARG HG3  H  N N 32  
ARG HD2  H  N N 33  
ARG HD3  H  N N 34  
ARG HE   H  N N 35  
ARG HH11 H  N N 36  
ARG HH12 H  N N 37  
ARG HH21 H  N N 38  
ARG HH22 H  N N 39  
ARG HXT  H  N N 40  
ASN N    N  N N 41  
ASN CA   C  N S 42  
ASN C    C  N N 43  
ASN O    O  N N 44  
ASN CB   C  N N 45  
ASN CG   C  N N 46  
ASN OD1  O  N N 47  
ASN ND2  N  N N 48  
ASN OXT  O  N N 49  
ASN H    H  N N 50  
ASN H2   H  N N 51  
ASN HA   H  N N 52  
ASN HB2  H  N N 53  
ASN HB3  H  N N 54  
ASN HD21 H  N N 55  
ASN HD22 H  N N 56  
ASN HXT  H  N N 57  
ASP N    N  N N 58  
ASP CA   C  N S 59  
ASP C    C  N N 60  
ASP O    O  N N 61  
ASP CB   C  N N 62  
ASP CG   C  N N 63  
ASP OD1  O  N N 64  
ASP OD2  O  N N 65  
ASP OXT  O  N N 66  
ASP H    H  N N 67  
ASP H2   H  N N 68  
ASP HA   H  N N 69  
ASP HB2  H  N N 70  
ASP HB3  H  N N 71  
ASP HD2  H  N N 72  
ASP HXT  H  N N 73  
GLN N    N  N N 74  
GLN CA   C  N S 75  
GLN C    C  N N 76  
GLN O    O  N N 77  
GLN CB   C  N N 78  
GLN CG   C  N N 79  
GLN CD   C  N N 80  
GLN OE1  O  N N 81  
GLN NE2  N  N N 82  
GLN OXT  O  N N 83  
GLN H    H  N N 84  
GLN H2   H  N N 85  
GLN HA   H  N N 86  
GLN HB2  H  N N 87  
GLN HB3  H  N N 88  
GLN HG2  H  N N 89  
GLN HG3  H  N N 90  
GLN HE21 H  N N 91  
GLN HE22 H  N N 92  
GLN HXT  H  N N 93  
GLU N    N  N N 94  
GLU CA   C  N S 95  
GLU C    C  N N 96  
GLU O    O  N N 97  
GLU CB   C  N N 98  
GLU CG   C  N N 99  
GLU CD   C  N N 100 
GLU OE1  O  N N 101 
GLU OE2  O  N N 102 
GLU OXT  O  N N 103 
GLU H    H  N N 104 
GLU H2   H  N N 105 
GLU HA   H  N N 106 
GLU HB2  H  N N 107 
GLU HB3  H  N N 108 
GLU HG2  H  N N 109 
GLU HG3  H  N N 110 
GLU HE2  H  N N 111 
GLU HXT  H  N N 112 
GLY N    N  N N 113 
GLY CA   C  N N 114 
GLY C    C  N N 115 
GLY O    O  N N 116 
GLY OXT  O  N N 117 
GLY H    H  N N 118 
GLY H2   H  N N 119 
GLY HA2  H  N N 120 
GLY HA3  H  N N 121 
GLY HXT  H  N N 122 
HIS N    N  N N 123 
HIS CA   C  N S 124 
HIS C    C  N N 125 
HIS O    O  N N 126 
HIS CB   C  N N 127 
HIS CG   C  Y N 128 
HIS ND1  N  Y N 129 
HIS CD2  C  Y N 130 
HIS CE1  C  Y N 131 
HIS NE2  N  Y N 132 
HIS OXT  O  N N 133 
HIS H    H  N N 134 
HIS H2   H  N N 135 
HIS HA   H  N N 136 
HIS HB2  H  N N 137 
HIS HB3  H  N N 138 
HIS HD1  H  N N 139 
HIS HD2  H  N N 140 
HIS HE1  H  N N 141 
HIS HE2  H  N N 142 
HIS HXT  H  N N 143 
HOH O    O  N N 144 
HOH H1   H  N N 145 
HOH H2   H  N N 146 
LEU N    N  N N 147 
LEU CA   C  N S 148 
LEU C    C  N N 149 
LEU O    O  N N 150 
LEU CB   C  N N 151 
LEU CG   C  N N 152 
LEU CD1  C  N N 153 
LEU CD2  C  N N 154 
LEU OXT  O  N N 155 
LEU H    H  N N 156 
LEU H2   H  N N 157 
LEU HA   H  N N 158 
LEU HB2  H  N N 159 
LEU HB3  H  N N 160 
LEU HG   H  N N 161 
LEU HD11 H  N N 162 
LEU HD12 H  N N 163 
LEU HD13 H  N N 164 
LEU HD21 H  N N 165 
LEU HD22 H  N N 166 
LEU HD23 H  N N 167 
LEU HXT  H  N N 168 
LYS N    N  N N 169 
LYS CA   C  N S 170 
LYS C    C  N N 171 
LYS O    O  N N 172 
LYS CB   C  N N 173 
LYS CG   C  N N 174 
LYS CD   C  N N 175 
LYS CE   C  N N 176 
LYS NZ   N  N N 177 
LYS OXT  O  N N 178 
LYS H    H  N N 179 
LYS H2   H  N N 180 
LYS HA   H  N N 181 
LYS HB2  H  N N 182 
LYS HB3  H  N N 183 
LYS HG2  H  N N 184 
LYS HG3  H  N N 185 
LYS HD2  H  N N 186 
LYS HD3  H  N N 187 
LYS HE2  H  N N 188 
LYS HE3  H  N N 189 
LYS HZ1  H  N N 190 
LYS HZ2  H  N N 191 
LYS HZ3  H  N N 192 
LYS HXT  H  N N 193 
MET N    N  N N 194 
MET CA   C  N S 195 
MET C    C  N N 196 
MET O    O  N N 197 
MET CB   C  N N 198 
MET CG   C  N N 199 
MET SD   S  N N 200 
MET CE   C  N N 201 
MET OXT  O  N N 202 
MET H    H  N N 203 
MET H2   H  N N 204 
MET HA   H  N N 205 
MET HB2  H  N N 206 
MET HB3  H  N N 207 
MET HG2  H  N N 208 
MET HG3  H  N N 209 
MET HE1  H  N N 210 
MET HE2  H  N N 211 
MET HE3  H  N N 212 
MET HXT  H  N N 213 
NA  NA   NA N N 214 
SER N    N  N N 215 
SER CA   C  N S 216 
SER C    C  N N 217 
SER O    O  N N 218 
SER CB   C  N N 219 
SER OG   O  N N 220 
SER OXT  O  N N 221 
SER H    H  N N 222 
SER H2   H  N N 223 
SER HA   H  N N 224 
SER HB2  H  N N 225 
SER HB3  H  N N 226 
SER HG   H  N N 227 
SER HXT  H  N N 228 
TRP N    N  N N 229 
TRP CA   C  N S 230 
TRP C    C  N N 231 
TRP O    O  N N 232 
TRP CB   C  N N 233 
TRP CG   C  Y N 234 
TRP CD1  C  Y N 235 
TRP CD2  C  Y N 236 
TRP NE1  N  Y N 237 
TRP CE2  C  Y N 238 
TRP CE3  C  Y N 239 
TRP CZ2  C  Y N 240 
TRP CZ3  C  Y N 241 
TRP CH2  C  Y N 242 
TRP OXT  O  N N 243 
TRP H    H  N N 244 
TRP H2   H  N N 245 
TRP HA   H  N N 246 
TRP HB2  H  N N 247 
TRP HB3  H  N N 248 
TRP HD1  H  N N 249 
TRP HE1  H  N N 250 
TRP HE3  H  N N 251 
TRP HZ2  H  N N 252 
TRP HZ3  H  N N 253 
TRP HH2  H  N N 254 
TRP HXT  H  N N 255 
TYR N    N  N N 256 
TYR CA   C  N S 257 
TYR C    C  N N 258 
TYR O    O  N N 259 
TYR CB   C  N N 260 
TYR CG   C  Y N 261 
TYR CD1  C  Y N 262 
TYR CD2  C  Y N 263 
TYR CE1  C  Y N 264 
TYR CE2  C  Y N 265 
TYR CZ   C  Y N 266 
TYR OH   O  N N 267 
TYR OXT  O  N N 268 
TYR H    H  N N 269 
TYR H2   H  N N 270 
TYR HA   H  N N 271 
TYR HB2  H  N N 272 
TYR HB3  H  N N 273 
TYR HD1  H  N N 274 
TYR HD2  H  N N 275 
TYR HE1  H  N N 276 
TYR HE2  H  N N 277 
TYR HH   H  N N 278 
TYR HXT  H  N N 279 
VAL N    N  N N 280 
VAL CA   C  N S 281 
VAL C    C  N N 282 
VAL O    O  N N 283 
VAL CB   C  N N 284 
VAL CG1  C  N N 285 
VAL CG2  C  N N 286 
VAL OXT  O  N N 287 
VAL H    H  N N 288 
VAL H2   H  N N 289 
VAL HA   H  N N 290 
VAL HB   H  N N 291 
VAL HG11 H  N N 292 
VAL HG12 H  N N 293 
VAL HG13 H  N N 294 
VAL HG21 H  N N 295 
VAL HG22 H  N N 296 
VAL HG23 H  N N 297 
VAL HXT  H  N N 298 
# 
loop_
_chem_comp_bond.comp_id 
_chem_comp_bond.atom_id_1 
_chem_comp_bond.atom_id_2 
_chem_comp_bond.value_order 
_chem_comp_bond.pdbx_aromatic_flag 
_chem_comp_bond.pdbx_stereo_config 
_chem_comp_bond.pdbx_ordinal 
ALA N   CA   sing N N 1   
ALA N   H    sing N N 2   
ALA N   H2   sing N N 3   
ALA CA  C    sing N N 4   
ALA CA  CB   sing N N 5   
ALA CA  HA   sing N N 6   
ALA C   O    doub N N 7   
ALA C   OXT  sing N N 8   
ALA CB  HB1  sing N N 9   
ALA CB  HB2  sing N N 10  
ALA CB  HB3  sing N N 11  
ALA OXT HXT  sing N N 12  
ARG N   CA   sing N N 13  
ARG N   H    sing N N 14  
ARG N   H2   sing N N 15  
ARG CA  C    sing N N 16  
ARG CA  CB   sing N N 17  
ARG CA  HA   sing N N 18  
ARG C   O    doub N N 19  
ARG C   OXT  sing N N 20  
ARG CB  CG   sing N N 21  
ARG CB  HB2  sing N N 22  
ARG CB  HB3  sing N N 23  
ARG CG  CD   sing N N 24  
ARG CG  HG2  sing N N 25  
ARG CG  HG3  sing N N 26  
ARG CD  NE   sing N N 27  
ARG CD  HD2  sing N N 28  
ARG CD  HD3  sing N N 29  
ARG NE  CZ   sing N N 30  
ARG NE  HE   sing N N 31  
ARG CZ  NH1  sing N N 32  
ARG CZ  NH2  doub N N 33  
ARG NH1 HH11 sing N N 34  
ARG NH1 HH12 sing N N 35  
ARG NH2 HH21 sing N N 36  
ARG NH2 HH22 sing N N 37  
ARG OXT HXT  sing N N 38  
ASN N   CA   sing N N 39  
ASN N   H    sing N N 40  
ASN N   H2   sing N N 41  
ASN CA  C    sing N N 42  
ASN CA  CB   sing N N 43  
ASN CA  HA   sing N N 44  
ASN C   O    doub N N 45  
ASN C   OXT  sing N N 46  
ASN CB  CG   sing N N 47  
ASN CB  HB2  sing N N 48  
ASN CB  HB3  sing N N 49  
ASN CG  OD1  doub N N 50  
ASN CG  ND2  sing N N 51  
ASN ND2 HD21 sing N N 52  
ASN ND2 HD22 sing N N 53  
ASN OXT HXT  sing N N 54  
ASP N   CA   sing N N 55  
ASP N   H    sing N N 56  
ASP N   H2   sing N N 57  
ASP CA  C    sing N N 58  
ASP CA  CB   sing N N 59  
ASP CA  HA   sing N N 60  
ASP C   O    doub N N 61  
ASP C   OXT  sing N N 62  
ASP CB  CG   sing N N 63  
ASP CB  HB2  sing N N 64  
ASP CB  HB3  sing N N 65  
ASP CG  OD1  doub N N 66  
ASP CG  OD2  sing N N 67  
ASP OD2 HD2  sing N N 68  
ASP OXT HXT  sing N N 69  
GLN N   CA   sing N N 70  
GLN N   H    sing N N 71  
GLN N   H2   sing N N 72  
GLN CA  C    sing N N 73  
GLN CA  CB   sing N N 74  
GLN CA  HA   sing N N 75  
GLN C   O    doub N N 76  
GLN C   OXT  sing N N 77  
GLN CB  CG   sing N N 78  
GLN CB  HB2  sing N N 79  
GLN CB  HB3  sing N N 80  
GLN CG  CD   sing N N 81  
GLN CG  HG2  sing N N 82  
GLN CG  HG3  sing N N 83  
GLN CD  OE1  doub N N 84  
GLN CD  NE2  sing N N 85  
GLN NE2 HE21 sing N N 86  
GLN NE2 HE22 sing N N 87  
GLN OXT HXT  sing N N 88  
GLU N   CA   sing N N 89  
GLU N   H    sing N N 90  
GLU N   H2   sing N N 91  
GLU CA  C    sing N N 92  
GLU CA  CB   sing N N 93  
GLU CA  HA   sing N N 94  
GLU C   O    doub N N 95  
GLU C   OXT  sing N N 96  
GLU CB  CG   sing N N 97  
GLU CB  HB2  sing N N 98  
GLU CB  HB3  sing N N 99  
GLU CG  CD   sing N N 100 
GLU CG  HG2  sing N N 101 
GLU CG  HG3  sing N N 102 
GLU CD  OE1  doub N N 103 
GLU CD  OE2  sing N N 104 
GLU OE2 HE2  sing N N 105 
GLU OXT HXT  sing N N 106 
GLY N   CA   sing N N 107 
GLY N   H    sing N N 108 
GLY N   H2   sing N N 109 
GLY CA  C    sing N N 110 
GLY CA  HA2  sing N N 111 
GLY CA  HA3  sing N N 112 
GLY C   O    doub N N 113 
GLY C   OXT  sing N N 114 
GLY OXT HXT  sing N N 115 
HIS N   CA   sing N N 116 
HIS N   H    sing N N 117 
HIS N   H2   sing N N 118 
HIS CA  C    sing N N 119 
HIS CA  CB   sing N N 120 
HIS CA  HA   sing N N 121 
HIS C   O    doub N N 122 
HIS C   OXT  sing N N 123 
HIS CB  CG   sing N N 124 
HIS CB  HB2  sing N N 125 
HIS CB  HB3  sing N N 126 
HIS CG  ND1  sing Y N 127 
HIS CG  CD2  doub Y N 128 
HIS ND1 CE1  doub Y N 129 
HIS ND1 HD1  sing N N 130 
HIS CD2 NE2  sing Y N 131 
HIS CD2 HD2  sing N N 132 
HIS CE1 NE2  sing Y N 133 
HIS CE1 HE1  sing N N 134 
HIS NE2 HE2  sing N N 135 
HIS OXT HXT  sing N N 136 
HOH O   H1   sing N N 137 
HOH O   H2   sing N N 138 
LEU N   CA   sing N N 139 
LEU N   H    sing N N 140 
LEU N   H2   sing N N 141 
LEU CA  C    sing N N 142 
LEU CA  CB   sing N N 143 
LEU CA  HA   sing N N 144 
LEU C   O    doub N N 145 
LEU C   OXT  sing N N 146 
LEU CB  CG   sing N N 147 
LEU CB  HB2  sing N N 148 
LEU CB  HB3  sing N N 149 
LEU CG  CD1  sing N N 150 
LEU CG  CD2  sing N N 151 
LEU CG  HG   sing N N 152 
LEU CD1 HD11 sing N N 153 
LEU CD1 HD12 sing N N 154 
LEU CD1 HD13 sing N N 155 
LEU CD2 HD21 sing N N 156 
LEU CD2 HD22 sing N N 157 
LEU CD2 HD23 sing N N 158 
LEU OXT HXT  sing N N 159 
LYS N   CA   sing N N 160 
LYS N   H    sing N N 161 
LYS N   H2   sing N N 162 
LYS CA  C    sing N N 163 
LYS CA  CB   sing N N 164 
LYS CA  HA   sing N N 165 
LYS C   O    doub N N 166 
LYS C   OXT  sing N N 167 
LYS CB  CG   sing N N 168 
LYS CB  HB2  sing N N 169 
LYS CB  HB3  sing N N 170 
LYS CG  CD   sing N N 171 
LYS CG  HG2  sing N N 172 
LYS CG  HG3  sing N N 173 
LYS CD  CE   sing N N 174 
LYS CD  HD2  sing N N 175 
LYS CD  HD3  sing N N 176 
LYS CE  NZ   sing N N 177 
LYS CE  HE2  sing N N 178 
LYS CE  HE3  sing N N 179 
LYS NZ  HZ1  sing N N 180 
LYS NZ  HZ2  sing N N 181 
LYS NZ  HZ3  sing N N 182 
LYS OXT HXT  sing N N 183 
MET N   CA   sing N N 184 
MET N   H    sing N N 185 
MET N   H2   sing N N 186 
MET CA  C    sing N N 187 
MET CA  CB   sing N N 188 
MET CA  HA   sing N N 189 
MET C   O    doub N N 190 
MET C   OXT  sing N N 191 
MET CB  CG   sing N N 192 
MET CB  HB2  sing N N 193 
MET CB  HB3  sing N N 194 
MET CG  SD   sing N N 195 
MET CG  HG2  sing N N 196 
MET CG  HG3  sing N N 197 
MET SD  CE   sing N N 198 
MET CE  HE1  sing N N 199 
MET CE  HE2  sing N N 200 
MET CE  HE3  sing N N 201 
MET OXT HXT  sing N N 202 
SER N   CA   sing N N 203 
SER N   H    sing N N 204 
SER N   H2   sing N N 205 
SER CA  C    sing N N 206 
SER CA  CB   sing N N 207 
SER CA  HA   sing N N 208 
SER C   O    doub N N 209 
SER C   OXT  sing N N 210 
SER CB  OG   sing N N 211 
SER CB  HB2  sing N N 212 
SER CB  HB3  sing N N 213 
SER OG  HG   sing N N 214 
SER OXT HXT  sing N N 215 
TRP N   CA   sing N N 216 
TRP N   H    sing N N 217 
TRP N   H2   sing N N 218 
TRP CA  C    sing N N 219 
TRP CA  CB   sing N N 220 
TRP CA  HA   sing N N 221 
TRP C   O    doub N N 222 
TRP C   OXT  sing N N 223 
TRP CB  CG   sing N N 224 
TRP CB  HB2  sing N N 225 
TRP CB  HB3  sing N N 226 
TRP CG  CD1  doub Y N 227 
TRP CG  CD2  sing Y N 228 
TRP CD1 NE1  sing Y N 229 
TRP CD1 HD1  sing N N 230 
TRP CD2 CE2  doub Y N 231 
TRP CD2 CE3  sing Y N 232 
TRP NE1 CE2  sing Y N 233 
TRP NE1 HE1  sing N N 234 
TRP CE2 CZ2  sing Y N 235 
TRP CE3 CZ3  doub Y N 236 
TRP CE3 HE3  sing N N 237 
TRP CZ2 CH2  doub Y N 238 
TRP CZ2 HZ2  sing N N 239 
TRP CZ3 CH2  sing Y N 240 
TRP CZ3 HZ3  sing N N 241 
TRP CH2 HH2  sing N N 242 
TRP OXT HXT  sing N N 243 
TYR N   CA   sing N N 244 
TYR N   H    sing N N 245 
TYR N   H2   sing N N 246 
TYR CA  C    sing N N 247 
TYR CA  CB   sing N N 248 
TYR CA  HA   sing N N 249 
TYR C   O    doub N N 250 
TYR C   OXT  sing N N 251 
TYR CB  CG   sing N N 252 
TYR CB  HB2  sing N N 253 
TYR CB  HB3  sing N N 254 
TYR CG  CD1  doub Y N 255 
TYR CG  CD2  sing Y N 256 
TYR CD1 CE1  sing Y N 257 
TYR CD1 HD1  sing N N 258 
TYR CD2 CE2  doub Y N 259 
TYR CD2 HD2  sing N N 260 
TYR CE1 CZ   doub Y N 261 
TYR CE1 HE1  sing N N 262 
TYR CE2 CZ   sing Y N 263 
TYR CE2 HE2  sing N N 264 
TYR CZ  OH   sing N N 265 
TYR OH  HH   sing N N 266 
TYR OXT HXT  sing N N 267 
VAL N   CA   sing N N 268 
VAL N   H    sing N N 269 
VAL N   H2   sing N N 270 
VAL CA  C    sing N N 271 
VAL CA  CB   sing N N 272 
VAL CA  HA   sing N N 273 
VAL C   O    doub N N 274 
VAL C   OXT  sing N N 275 
VAL CB  CG1  sing N N 276 
VAL CB  CG2  sing N N 277 
VAL CB  HB   sing N N 278 
VAL CG1 HG11 sing N N 279 
VAL CG1 HG12 sing N N 280 
VAL CG1 HG13 sing N N 281 
VAL CG2 HG21 sing N N 282 
VAL CG2 HG22 sing N N 283 
VAL CG2 HG23 sing N N 284 
VAL OXT HXT  sing N N 285 
# 
loop_
_pdbx_entity_nonpoly.entity_id 
_pdbx_entity_nonpoly.name 
_pdbx_entity_nonpoly.comp_id 
2 'SODIUM ION' NA  
3 water        HOH 
# 
_pdbx_initial_refinement_model.id               1 
_pdbx_initial_refinement_model.entity_id_list   ? 
_pdbx_initial_refinement_model.type             'experimental model' 
_pdbx_initial_refinement_model.source_name      PDB 
_pdbx_initial_refinement_model.accession_code   3I1G 
_pdbx_initial_refinement_model.details          ? 
# 
